data_2NNT
#
_entry.id   2NNT
#
_entity_poly.entity_id   1
_entity_poly.type   'polypeptide(L)'
_entity_poly.pdbx_seq_one_letter_code
;GSMGATAVSEWTEYKTADGKTFYYNNRTLESTWEKPQELK
;
_entity_poly.pdbx_strand_id   A,B,C,D
#
# COMPACT_ATOMS: atom_id res chain seq x y z
N MET A 3 5.34 -15.86 -19.18
CA MET A 3 5.87 -16.83 -18.17
C MET A 3 6.78 -16.17 -17.12
N GLY A 4 6.42 -16.30 -15.86
CA GLY A 4 7.02 -15.44 -14.78
C GLY A 4 5.90 -14.86 -13.96
N ALA A 5 6.00 -15.00 -12.65
CA ALA A 5 5.01 -14.60 -11.70
C ALA A 5 5.54 -14.58 -10.24
N THR A 6 5.24 -13.49 -9.47
CA THR A 6 5.89 -13.27 -8.19
C THR A 6 4.74 -12.85 -7.30
N ALA A 7 4.84 -13.07 -5.99
CA ALA A 7 3.85 -12.60 -5.06
C ALA A 7 4.52 -12.05 -3.77
N VAL A 8 4.18 -10.78 -3.36
CA VAL A 8 4.70 -10.22 -2.09
C VAL A 8 3.55 -10.02 -1.12
N SER A 9 3.91 -10.10 0.14
CA SER A 9 3.01 -9.84 1.26
C SER A 9 3.83 -9.26 2.45
N GLU A 10 3.14 -8.42 3.30
CA GLU A 10 3.53 -8.24 4.67
C GLU A 10 2.30 -7.99 5.62
N TRP A 11 2.65 -8.02 6.91
CA TRP A 11 1.79 -7.63 8.06
C TRP A 11 2.48 -6.55 8.85
N THR A 12 1.84 -5.47 9.25
CA THR A 12 2.48 -4.23 9.73
C THR A 12 1.67 -3.89 11.05
N GLU A 13 2.43 -3.75 12.12
CA GLU A 13 1.85 -3.61 13.46
C GLU A 13 2.65 -2.63 14.28
N TYR A 14 2.10 -1.41 14.35
CA TYR A 14 2.87 -0.30 14.94
C TYR A 14 1.94 0.37 15.88
N LYS A 15 2.12 0.28 17.22
CA LYS A 15 1.46 1.11 18.25
C LYS A 15 2.58 1.82 18.97
N THR A 16 2.96 3.07 18.63
CA THR A 16 4.03 3.86 19.26
C THR A 16 3.39 4.71 20.33
N ALA A 17 3.96 4.53 21.56
CA ALA A 17 3.53 5.23 22.80
C ALA A 17 3.81 6.65 22.72
N ASP A 18 5.09 7.04 22.71
CA ASP A 18 5.58 8.47 22.61
C ASP A 18 5.92 8.55 21.13
N GLY A 19 5.27 9.53 20.42
CA GLY A 19 5.33 9.67 18.96
C GLY A 19 6.70 9.85 18.39
N LYS A 20 7.11 9.03 17.44
CA LYS A 20 8.55 8.78 17.16
C LYS A 20 8.87 8.18 15.77
N THR A 21 8.22 7.08 15.42
CA THR A 21 8.39 6.26 14.21
C THR A 21 8.44 6.99 12.88
N PHE A 22 9.53 6.69 12.13
CA PHE A 22 9.58 6.89 10.71
C PHE A 22 9.54 5.44 10.15
N TYR A 23 8.75 5.23 9.08
CA TYR A 23 8.69 4.11 8.29
C TYR A 23 8.48 4.34 6.79
N TYR A 24 9.56 4.40 6.01
CA TYR A 24 9.53 4.39 4.58
C TYR A 24 9.57 2.87 4.21
N ASN A 25 8.62 2.37 3.38
CA ASN A 25 8.55 1.02 3.01
C ASN A 25 8.24 0.86 1.55
N ASN A 26 9.32 0.82 0.70
CA ASN A 26 9.22 0.73 -0.74
C ASN A 26 9.76 -0.60 -1.19
N ARG A 27 8.82 -1.39 -1.72
CA ARG A 27 8.96 -2.74 -2.19
C ARG A 27 8.17 -3.02 -3.45
N THR A 28 9.03 -3.36 -4.40
CA THR A 28 8.59 -3.85 -5.70
C THR A 28 8.14 -5.30 -5.67
N LEU A 29 7.45 -5.80 -6.70
CA LEU A 29 7.86 -7.08 -7.22
C LEU A 29 7.91 -7.16 -8.74
N GLU A 30 8.75 -8.05 -9.15
CA GLU A 30 9.34 -8.06 -10.47
C GLU A 30 9.20 -9.37 -11.18
N SER A 31 7.96 -9.57 -11.68
CA SER A 31 7.62 -10.92 -12.16
C SER A 31 8.40 -11.29 -13.42
N THR A 32 8.17 -10.53 -14.50
CA THR A 32 8.40 -10.94 -15.87
C THR A 32 9.76 -10.34 -16.29
N TRP A 33 9.98 -9.05 -16.26
CA TRP A 33 11.24 -8.49 -16.69
C TRP A 33 11.85 -7.53 -15.67
N MET B 3 2.19 -18.73 -11.91
CA MET B 3 0.88 -18.54 -12.51
C MET B 3 0.91 -17.63 -13.76
N GLY B 4 1.26 -16.34 -13.61
CA GLY B 4 1.44 -15.43 -14.61
C GLY B 4 1.02 -14.01 -14.24
N ALA B 5 2.05 -13.18 -14.03
CA ALA B 5 2.05 -11.78 -13.48
C ALA B 5 1.99 -11.92 -11.98
N THR B 6 1.34 -10.98 -11.33
CA THR B 6 1.96 -10.39 -10.12
C THR B 6 0.85 -9.96 -9.09
N ALA B 7 1.07 -10.44 -7.81
CA ALA B 7 0.07 -10.26 -6.77
C ALA B 7 0.74 -9.58 -5.53
N VAL B 8 0.06 -8.66 -4.87
CA VAL B 8 0.53 -8.14 -3.56
C VAL B 8 -0.60 -8.19 -2.48
N SER B 9 -0.17 -8.25 -1.24
CA SER B 9 -1.03 -8.09 -0.11
C SER B 9 -0.34 -7.22 0.95
N GLU B 10 -1.16 -6.52 1.72
CA GLU B 10 -0.71 -5.88 2.99
C GLU B 10 -1.77 -6.08 4.12
N TRP B 11 -1.34 -6.26 5.41
CA TRP B 11 -2.14 -6.48 6.59
C TRP B 11 -1.80 -5.44 7.70
N THR B 12 -2.29 -4.18 7.62
CA THR B 12 -1.75 -3.02 8.39
C THR B 12 -2.67 -2.62 9.59
N GLU B 13 -2.03 -2.50 10.76
CA GLU B 13 -2.55 -1.94 11.99
C GLU B 13 -1.54 -0.95 12.49
N TYR B 14 -1.86 0.34 12.20
CA TYR B 14 -1.11 1.58 12.65
C TYR B 14 -1.93 2.28 13.75
N LYS B 15 -1.53 2.28 15.04
CA LYS B 15 -2.33 2.87 16.14
C LYS B 15 -1.36 3.71 17.04
N THR B 16 -0.98 4.83 16.45
CA THR B 16 -0.16 5.90 17.14
C THR B 16 -0.99 7.23 17.21
N ALA B 17 -1.51 7.51 18.41
CA ALA B 17 -2.35 8.61 18.73
C ALA B 17 -1.67 9.99 18.35
N ASP B 18 -0.46 10.19 18.82
CA ASP B 18 0.22 11.52 18.80
C ASP B 18 0.52 12.04 17.35
N GLY B 19 0.21 13.32 17.10
CA GLY B 19 0.50 14.01 15.82
C GLY B 19 2.05 14.10 15.58
N LYS B 20 2.59 13.17 14.86
CA LYS B 20 4.07 13.01 14.87
C LYS B 20 4.51 11.91 13.89
N THR B 21 3.81 10.77 13.83
CA THR B 21 4.22 9.59 13.00
C THR B 21 4.57 9.98 11.53
N PHE B 22 5.62 9.38 10.97
CA PHE B 22 5.97 9.58 9.51
C PHE B 22 5.83 8.09 8.92
N TYR B 23 4.93 7.95 7.89
CA TYR B 23 4.86 6.69 7.20
C TYR B 23 4.92 7.08 5.71
N TYR B 24 5.71 6.31 4.97
CA TYR B 24 5.71 6.46 3.50
C TYR B 24 5.63 4.97 2.95
N ASN B 25 4.65 4.62 2.09
CA ASN B 25 4.53 3.32 1.46
C ASN B 25 4.55 3.47 -0.07
N ASN B 26 5.27 2.61 -0.82
CA ASN B 26 5.51 2.75 -2.25
C ASN B 26 5.55 1.39 -2.91
N ARG B 27 4.40 0.98 -3.43
CA ARG B 27 4.04 -0.46 -3.63
C ARG B 27 3.99 -0.58 -5.18
N THR B 28 4.68 -1.58 -5.78
CA THR B 28 4.69 -1.68 -7.28
C THR B 28 4.60 -3.15 -7.66
N LEU B 29 3.73 -3.51 -8.57
CA LEU B 29 3.64 -4.90 -9.00
C LEU B 29 3.80 -4.89 -10.51
N GLU B 30 4.98 -5.23 -11.02
CA GLU B 30 5.14 -5.26 -12.48
C GLU B 30 4.59 -6.57 -13.05
N SER B 31 4.08 -6.58 -14.30
CA SER B 31 4.23 -7.56 -15.34
C SER B 31 4.32 -6.84 -16.57
N THR B 32 5.29 -6.93 -17.40
CA THR B 32 5.54 -6.01 -18.53
C THR B 32 5.71 -6.74 -19.88
N TRP B 33 5.57 -6.03 -21.02
CA TRP B 33 5.60 -6.43 -22.35
C TRP B 33 7.03 -6.99 -22.76
N MET C 3 -2.26 -16.71 -15.06
CA MET C 3 -3.33 -15.81 -14.65
C MET C 3 -3.44 -14.62 -15.60
N GLY C 4 -2.28 -14.01 -15.73
CA GLY C 4 -2.11 -12.85 -16.55
C GLY C 4 -2.91 -11.62 -16.08
N ALA C 5 -2.57 -11.19 -14.91
CA ALA C 5 -3.33 -10.17 -14.18
C ALA C 5 -2.56 -9.68 -13.00
N THR C 6 -2.87 -8.48 -12.57
CA THR C 6 -2.29 -7.82 -11.44
C THR C 6 -3.31 -7.21 -10.52
N ALA C 7 -3.22 -7.45 -9.21
CA ALA C 7 -4.11 -6.84 -8.30
C ALA C 7 -3.52 -6.52 -6.95
N VAL C 8 -4.09 -5.55 -6.23
CA VAL C 8 -3.50 -4.93 -5.03
C VAL C 8 -4.53 -5.04 -3.88
N SER C 9 -4.21 -6.02 -2.98
CA SER C 9 -5.01 -6.45 -1.81
C SER C 9 -4.37 -5.80 -0.52
N GLU C 10 -4.46 -4.50 -0.49
CA GLU C 10 -4.04 -3.80 0.70
C GLU C 10 -5.18 -3.71 1.66
N TRP C 11 -4.95 -3.90 2.94
CA TRP C 11 -5.83 -3.74 4.07
C TRP C 11 -5.05 -2.85 5.13
N THR C 12 -5.64 -1.82 5.74
CA THR C 12 -5.10 -0.88 6.68
C THR C 12 -6.23 -0.39 7.69
N GLU C 13 -6.19 -0.81 8.99
CA GLU C 13 -6.76 -0.01 10.11
C GLU C 13 -5.69 0.97 10.69
N TYR C 14 -5.95 2.25 10.36
CA TYR C 14 -5.15 3.38 10.78
C TYR C 14 -5.93 4.12 11.86
N LYS C 15 -5.30 4.42 13.03
CA LYS C 15 -5.78 5.34 14.02
C LYS C 15 -4.70 6.29 14.53
N THR C 16 -5.14 7.54 14.69
CA THR C 16 -4.29 8.62 15.05
C THR C 16 -5.23 9.52 15.80
N ALA C 17 -4.78 10.27 16.81
CA ALA C 17 -5.59 11.31 17.41
C ALA C 17 -5.46 12.64 16.58
N ASP C 18 -4.23 13.22 16.52
CA ASP C 18 -3.99 14.56 16.12
C ASP C 18 -3.34 14.68 14.71
N GLY C 19 -3.89 15.51 13.81
CA GLY C 19 -3.66 15.46 12.39
C GLY C 19 -2.24 15.65 11.87
N LYS C 20 -1.49 16.40 12.64
CA LYS C 20 0.00 16.61 12.45
C LYS C 20 0.88 15.36 12.09
N THR C 21 0.33 14.14 12.20
CA THR C 21 1.02 12.98 11.74
C THR C 21 1.11 12.95 10.15
N PHE C 22 2.12 12.23 9.58
CA PHE C 22 2.43 12.20 8.11
C PHE C 22 2.23 10.75 7.61
N TYR C 23 1.39 10.57 6.53
CA TYR C 23 1.05 9.22 5.89
C TYR C 23 1.21 9.47 4.38
N TYR C 24 1.86 8.52 3.69
CA TYR C 24 1.87 8.57 2.28
C TYR C 24 1.76 7.12 1.69
N ASN C 25 0.92 6.96 0.64
CA ASN C 25 0.63 5.79 -0.14
C ASN C 25 0.61 5.91 -1.69
N ASN C 26 1.43 5.15 -2.39
CA ASN C 26 1.59 5.15 -3.83
C ASN C 26 1.59 3.73 -4.31
N ARG C 27 0.36 3.16 -4.46
CA ARG C 27 0.23 1.93 -5.18
C ARG C 27 0.30 2.13 -6.64
N THR C 28 0.96 1.10 -7.25
CA THR C 28 1.02 0.87 -8.68
C THR C 28 0.99 -0.66 -9.00
N LEU C 29 0.15 -0.95 -9.96
CA LEU C 29 -0.05 -2.32 -10.45
C LEU C 29 -0.37 -2.34 -12.00
N GLU C 30 0.31 -3.19 -12.83
CA GLU C 30 0.30 -3.19 -14.29
C GLU C 30 0.38 -4.63 -14.90
N SER C 31 -0.76 -4.85 -15.58
CA SER C 31 -1.06 -6.10 -16.14
C SER C 31 -0.61 -6.10 -17.63
N THR C 32 0.45 -6.86 -17.85
CA THR C 32 1.11 -7.17 -19.16
C THR C 32 1.76 -8.58 -19.00
N TRP C 33 1.15 -9.62 -19.60
CA TRP C 33 1.69 -10.96 -19.62
C TRP C 33 2.06 -11.51 -20.97
N MET D 3 -0.90 -7.94 -22.13
CA MET D 3 -2.04 -7.22 -21.64
C MET D 3 -2.91 -8.11 -20.74
N GLY D 4 -3.03 -7.80 -19.44
CA GLY D 4 -3.86 -8.56 -18.48
C GLY D 4 -4.93 -7.72 -17.88
N ALA D 5 -5.64 -8.38 -16.93
CA ALA D 5 -6.77 -7.82 -16.18
C ALA D 5 -6.22 -7.16 -14.94
N THR D 6 -6.96 -6.27 -14.35
CA THR D 6 -6.41 -5.33 -13.37
C THR D 6 -7.39 -5.00 -12.21
N ALA D 7 -6.94 -4.97 -10.95
CA ALA D 7 -7.83 -4.68 -9.78
C ALA D 7 -7.14 -3.94 -8.68
N VAL D 8 -7.86 -2.83 -8.32
CA VAL D 8 -7.50 -2.18 -7.07
C VAL D 8 -8.56 -2.39 -6.02
N SER D 9 -8.15 -2.39 -4.80
CA SER D 9 -8.95 -3.04 -3.77
C SER D 9 -8.38 -2.76 -2.44
N GLU D 10 -8.84 -1.63 -1.82
CA GLU D 10 -8.14 -0.98 -0.74
C GLU D 10 -9.10 -0.82 0.48
N TRP D 11 -8.74 -1.38 1.67
CA TRP D 11 -9.50 -1.40 2.93
C TRP D 11 -8.94 -0.34 3.89
N THR D 12 -9.30 0.93 3.57
CA THR D 12 -8.70 2.07 4.15
C THR D 12 -9.58 2.63 5.31
N GLU D 13 -9.64 2.14 6.55
CA GLU D 13 -10.34 2.71 7.68
C GLU D 13 -9.34 3.63 8.40
N TYR D 14 -9.38 4.95 8.18
CA TYR D 14 -8.44 5.92 8.79
C TYR D 14 -9.27 6.87 9.59
N LYS D 15 -9.09 6.91 10.90
CA LYS D 15 -9.82 7.75 11.90
C LYS D 15 -8.82 8.68 12.53
N THR D 16 -8.82 9.97 12.23
CA THR D 16 -8.05 10.91 13.02
C THR D 16 -9.16 11.59 13.90
N ALA D 17 -8.84 11.64 15.18
CA ALA D 17 -9.67 12.24 16.26
C ALA D 17 -9.84 13.79 15.96
N ASP D 18 -8.76 14.49 15.65
CA ASP D 18 -8.69 15.86 15.10
C ASP D 18 -7.94 15.95 13.80
N GLY D 19 -8.70 15.92 12.72
CA GLY D 19 -8.23 15.79 11.38
C GLY D 19 -7.57 17.01 10.74
N LYS D 20 -6.45 17.37 11.32
CA LYS D 20 -5.50 18.31 10.77
C LYS D 20 -4.52 17.51 9.87
N THR D 21 -5.07 16.67 9.02
CA THR D 21 -4.40 15.52 8.46
C THR D 21 -3.34 15.81 7.41
N PHE D 22 -2.22 15.07 7.35
CA PHE D 22 -1.36 14.91 6.21
C PHE D 22 -1.50 13.39 5.65
N TYR D 23 -2.11 13.13 4.51
CA TYR D 23 -2.57 11.80 4.04
C TYR D 23 -2.60 11.85 2.50
N TYR D 24 -1.61 11.22 1.84
CA TYR D 24 -1.40 11.12 0.37
C TYR D 24 -1.78 9.63 0.05
N ASN D 25 -2.68 9.39 -0.92
CA ASN D 25 -3.13 8.08 -1.41
C ASN D 25 -3.32 8.09 -2.95
N ASN D 26 -2.58 7.24 -3.74
CA ASN D 26 -2.72 7.09 -5.19
C ASN D 26 -2.88 5.67 -5.53
N ARG D 27 -3.88 5.30 -6.35
CA ARG D 27 -3.78 4.10 -7.22
C ARG D 27 -3.38 4.44 -8.61
N THR D 28 -2.23 3.89 -9.19
CA THR D 28 -2.09 3.83 -10.62
C THR D 28 -2.32 2.35 -11.00
N LEU D 29 -3.26 2.06 -11.92
CA LEU D 29 -4.04 0.79 -12.02
C LEU D 29 -4.26 0.60 -13.53
N GLU D 30 -3.47 -0.24 -14.25
CA GLU D 30 -3.54 -0.31 -15.72
C GLU D 30 -3.77 -1.76 -16.09
N SER D 31 -4.77 -2.06 -16.97
CA SER D 31 -5.01 -3.34 -17.65
C SER D 31 -4.32 -3.33 -19.01
N THR D 32 -3.38 -2.45 -19.22
CA THR D 32 -2.65 -2.23 -20.43
C THR D 32 -3.48 -1.86 -21.76
N TRP D 33 -3.98 -0.62 -21.61
CA TRP D 33 -4.61 0.12 -22.72
C TRP D 33 -3.92 -0.09 -24.07
N MET A 3 9.22 -13.66 -19.21
CA MET A 3 8.23 -14.65 -18.87
C MET A 3 8.36 -14.87 -17.36
N GLY A 4 7.34 -14.69 -16.53
CA GLY A 4 7.36 -15.20 -15.15
C GLY A 4 6.32 -14.53 -14.18
N ALA A 5 6.58 -14.68 -12.86
CA ALA A 5 5.57 -14.64 -11.79
C ALA A 5 6.28 -14.63 -10.45
N THR A 6 5.90 -13.57 -9.65
CA THR A 6 6.39 -13.28 -8.30
C THR A 6 5.23 -12.94 -7.31
N ALA A 7 5.52 -12.92 -6.00
CA ALA A 7 4.57 -12.58 -4.95
C ALA A 7 5.28 -11.87 -3.77
N VAL A 8 4.60 -11.00 -3.09
CA VAL A 8 4.97 -10.29 -1.85
C VAL A 8 3.79 -10.17 -0.92
N SER A 9 3.88 -10.57 0.34
CA SER A 9 2.75 -10.61 1.33
C SER A 9 3.22 -10.02 2.62
N GLU A 10 2.64 -8.86 3.08
CA GLU A 10 3.08 -8.14 4.28
C GLU A 10 2.00 -8.00 5.36
N TRP A 11 2.40 -8.29 6.64
CA TRP A 11 1.56 -8.10 7.77
C TRP A 11 2.23 -6.99 8.61
N THR A 12 1.44 -6.02 9.08
CA THR A 12 1.99 -4.87 9.80
C THR A 12 1.12 -4.73 11.03
N GLU A 13 1.76 -4.67 12.15
CA GLU A 13 1.18 -4.46 13.46
C GLU A 13 1.99 -3.38 14.16
N TYR A 14 1.59 -2.13 14.02
CA TYR A 14 2.35 -0.99 14.58
C TYR A 14 1.50 -0.23 15.69
N LYS A 15 2.03 -0.02 16.89
CA LYS A 15 1.57 0.96 17.86
C LYS A 15 2.78 1.57 18.57
N THR A 16 2.93 2.90 18.44
CA THR A 16 4.02 3.72 18.95
C THR A 16 3.53 4.58 20.12
N ALA A 17 4.00 4.23 21.37
CA ALA A 17 3.39 4.98 22.52
C ALA A 17 3.89 6.43 22.72
N ASP A 18 5.10 6.77 22.32
CA ASP A 18 5.73 8.09 22.44
C ASP A 18 6.23 8.43 21.02
N GLY A 19 5.81 9.55 20.35
CA GLY A 19 6.10 9.85 18.96
C GLY A 19 7.53 9.79 18.48
N LYS A 20 7.74 8.81 17.56
CA LYS A 20 9.00 8.22 17.13
C LYS A 20 8.98 7.56 15.68
N THR A 21 7.95 6.79 15.29
CA THR A 21 7.99 5.99 14.05
C THR A 21 7.90 6.93 12.81
N PHE A 22 9.00 7.02 12.04
CA PHE A 22 8.91 7.14 10.61
C PHE A 22 9.12 5.78 9.85
N TYR A 23 8.03 5.26 9.29
CA TYR A 23 8.04 3.95 8.60
C TYR A 23 8.02 4.08 7.03
N TYR A 24 9.16 4.13 6.39
CA TYR A 24 9.28 3.99 4.92
C TYR A 24 9.11 2.48 4.62
N ASN A 25 8.16 2.09 3.71
CA ASN A 25 8.14 0.75 3.22
C ASN A 25 7.92 0.88 1.70
N ASN A 26 9.07 1.10 0.97
CA ASN A 26 9.10 1.10 -0.56
C ASN A 26 9.41 -0.37 -1.03
N ARG A 27 8.41 -1.17 -1.48
CA ARG A 27 8.57 -2.50 -1.99
C ARG A 27 8.10 -2.55 -3.41
N THR A 28 9.04 -2.84 -4.31
CA THR A 28 8.73 -3.38 -5.63
C THR A 28 8.52 -4.85 -5.46
N LEU A 29 7.87 -5.47 -6.51
CA LEU A 29 8.32 -6.86 -6.91
C LEU A 29 8.16 -7.08 -8.42
N GLU A 30 9.02 -7.89 -9.02
CA GLU A 30 9.31 -7.96 -10.43
C GLU A 30 9.10 -9.30 -11.07
N SER A 31 7.88 -9.56 -11.59
CA SER A 31 7.52 -10.92 -12.10
C SER A 31 8.40 -11.13 -13.37
N THR A 32 8.79 -10.05 -14.09
CA THR A 32 9.40 -10.17 -15.42
C THR A 32 10.65 -9.26 -15.56
N TRP A 33 10.54 -7.97 -15.23
CA TRP A 33 11.56 -6.96 -15.57
C TRP A 33 11.94 -6.10 -14.34
N MET B 3 2.17 -18.50 -11.15
CA MET B 3 1.12 -18.76 -12.13
C MET B 3 1.32 -17.95 -13.42
N GLY B 4 1.42 -16.63 -13.32
CA GLY B 4 1.65 -15.66 -14.44
C GLY B 4 1.26 -14.32 -13.98
N ALA B 5 2.23 -13.37 -13.84
CA ALA B 5 2.27 -11.97 -13.39
C ALA B 5 2.22 -12.01 -11.85
N THR B 6 1.60 -10.94 -11.17
CA THR B 6 2.21 -10.35 -9.95
C THR B 6 1.21 -10.11 -8.81
N ALA B 7 1.46 -10.72 -7.65
CA ALA B 7 0.50 -10.81 -6.52
C ALA B 7 0.97 -10.21 -5.22
N VAL B 8 0.38 -9.05 -4.94
CA VAL B 8 0.70 -8.35 -3.71
C VAL B 8 -0.46 -8.34 -2.68
N SER B 9 -0.05 -8.44 -1.36
CA SER B 9 -1.01 -8.35 -0.26
C SER B 9 -0.41 -7.38 0.74
N GLU B 10 -1.36 -6.68 1.41
CA GLU B 10 -1.17 -6.03 2.68
C GLU B 10 -2.26 -6.25 3.73
N TRP B 11 -1.87 -6.54 4.98
CA TRP B 11 -2.76 -6.34 6.08
C TRP B 11 -2.14 -5.43 7.13
N THR B 12 -2.54 -4.17 7.38
CA THR B 12 -1.87 -3.24 8.21
C THR B 12 -2.91 -3.01 9.37
N GLU B 13 -2.33 -2.85 10.56
CA GLU B 13 -3.01 -2.53 11.84
C GLU B 13 -2.13 -1.65 12.59
N TYR B 14 -2.49 -0.38 12.41
CA TYR B 14 -1.82 0.88 12.81
C TYR B 14 -2.62 1.52 13.94
N LYS B 15 -2.01 1.73 15.13
CA LYS B 15 -2.83 2.20 16.25
C LYS B 15 -2.06 3.19 17.16
N THR B 16 -0.99 3.80 16.66
CA THR B 16 -0.33 4.99 17.15
C THR B 16 -1.34 6.23 17.23
N ALA B 17 -1.65 6.60 18.46
CA ALA B 17 -2.53 7.71 18.77
C ALA B 17 -1.77 8.95 18.40
N ASP B 18 -0.49 8.98 18.78
CA ASP B 18 0.34 10.16 18.94
C ASP B 18 0.67 10.72 17.54
N GLY B 19 0.57 12.07 17.43
CA GLY B 19 0.68 12.76 16.15
C GLY B 19 2.11 12.80 15.54
N LYS B 20 3.14 12.74 16.41
CA LYS B 20 4.46 12.86 15.85
C LYS B 20 4.93 11.54 15.12
N THR B 21 4.25 11.18 14.07
CA THR B 21 4.17 9.82 13.40
C THR B 21 4.13 10.00 11.91
N PHE B 22 4.96 9.24 11.22
CA PHE B 22 5.17 9.45 9.73
C PHE B 22 5.08 8.09 9.13
N TYR B 23 4.11 7.91 8.22
CA TYR B 23 4.05 6.69 7.44
C TYR B 23 4.27 7.02 6.01
N TYR B 24 4.92 6.07 5.35
CA TYR B 24 5.18 6.17 3.91
C TYR B 24 5.32 4.77 3.19
N ASN B 25 4.26 4.35 2.43
CA ASN B 25 4.35 3.09 1.69
C ASN B 25 4.29 3.31 0.16
N ASN B 26 5.34 2.76 -0.52
CA ASN B 26 5.28 2.90 -1.96
C ASN B 26 5.19 1.45 -2.52
N ARG B 27 4.08 0.98 -3.03
CA ARG B 27 3.85 -0.43 -3.33
C ARG B 27 3.71 -0.48 -4.84
N THR B 28 4.55 -1.26 -5.55
CA THR B 28 4.68 -1.23 -7.02
C THR B 28 4.71 -2.72 -7.55
N LEU B 29 3.65 -3.29 -8.17
CA LEU B 29 3.68 -4.60 -8.83
C LEU B 29 3.92 -4.42 -10.34
N GLU B 30 4.96 -5.01 -10.90
CA GLU B 30 5.08 -5.07 -12.37
C GLU B 30 4.73 -6.47 -12.86
N SER B 31 4.08 -6.60 -14.04
CA SER B 31 4.31 -7.59 -15.08
C SER B 31 4.36 -6.66 -16.37
N THR B 32 5.42 -6.64 -17.13
CA THR B 32 5.69 -5.81 -18.30
C THR B 32 6.01 -6.74 -19.44
N TRP B 33 5.87 -6.26 -20.67
CA TRP B 33 6.30 -6.91 -21.92
C TRP B 33 7.83 -7.14 -21.95
N MET C 3 -2.20 -16.57 -15.04
CA MET C 3 -3.15 -15.47 -15.21
C MET C 3 -2.67 -14.49 -16.18
N GLY C 4 -1.62 -13.72 -15.84
CA GLY C 4 -1.21 -12.57 -16.64
C GLY C 4 -2.00 -11.34 -16.15
N ALA C 5 -1.83 -11.07 -14.84
CA ALA C 5 -2.76 -10.26 -14.05
C ALA C 5 -2.15 -9.82 -12.73
N THR C 6 -2.46 -8.57 -12.45
CA THR C 6 -1.91 -7.87 -11.27
C THR C 6 -3.01 -7.21 -10.39
N ALA C 7 -2.85 -7.51 -9.08
CA ALA C 7 -3.89 -7.45 -8.11
C ALA C 7 -3.40 -6.92 -6.76
N VAL C 8 -3.91 -5.76 -6.27
CA VAL C 8 -3.63 -5.24 -4.98
C VAL C 8 -4.89 -5.32 -4.07
N SER C 9 -4.79 -6.30 -3.18
CA SER C 9 -5.70 -6.48 -2.05
C SER C 9 -4.92 -5.90 -0.89
N GLU C 10 -5.43 -4.74 -0.42
CA GLU C 10 -4.85 -3.94 0.57
C GLU C 10 -5.88 -3.66 1.64
N TRP C 11 -5.60 -4.05 2.88
CA TRP C 11 -6.35 -3.71 4.03
C TRP C 11 -5.64 -2.87 5.10
N THR C 12 -5.86 -1.58 5.16
CA THR C 12 -5.27 -0.67 6.14
C THR C 12 -6.33 -0.45 7.22
N GLU C 13 -6.11 -0.84 8.49
CA GLU C 13 -6.94 -0.31 9.62
C GLU C 13 -6.03 0.55 10.52
N TYR C 14 -6.44 1.79 10.76
CA TYR C 14 -5.48 2.86 11.00
C TYR C 14 -6.13 3.79 12.02
N LYS C 15 -5.53 4.10 13.17
CA LYS C 15 -6.07 5.02 14.16
C LYS C 15 -4.97 5.99 14.47
N THR C 16 -5.42 7.17 14.87
CA THR C 16 -4.72 8.42 15.23
C THR C 16 -5.55 9.23 16.19
N ALA C 17 -4.93 9.89 17.18
CA ALA C 17 -5.62 10.86 17.99
C ALA C 17 -5.47 12.28 17.31
N ASP C 18 -4.33 12.91 17.57
CA ASP C 18 -3.88 14.17 16.97
C ASP C 18 -3.64 13.88 15.57
N GLY C 19 -4.33 14.63 14.73
CA GLY C 19 -4.13 14.55 13.28
C GLY C 19 -2.89 15.28 12.85
N LYS C 20 -1.85 15.32 13.68
CA LYS C 20 -0.58 15.79 13.24
C LYS C 20 0.21 14.75 12.43
N THR C 21 -0.16 13.47 12.53
CA THR C 21 0.43 12.42 11.80
C THR C 21 0.56 12.70 10.27
N PHE C 22 1.66 12.26 9.66
CA PHE C 22 1.77 12.24 8.20
C PHE C 22 1.54 10.82 7.71
N TYR C 23 0.82 10.78 6.61
CA TYR C 23 0.54 9.54 5.91
C TYR C 23 0.49 9.75 4.40
N TYR C 24 1.24 8.85 3.76
CA TYR C 24 1.37 8.75 2.31
C TYR C 24 1.08 7.30 1.87
N ASN C 25 0.05 7.00 1.00
CA ASN C 25 -0.06 5.69 0.32
C ASN C 25 -0.05 5.91 -1.21
N ASN C 26 1.00 5.37 -1.90
CA ASN C 26 1.09 5.38 -3.34
C ASN C 26 1.24 3.94 -3.86
N ARG C 27 0.16 3.52 -4.59
CA ARG C 27 -0.03 2.10 -4.86
C ARG C 27 -0.10 1.91 -6.39
N THR C 28 0.78 1.20 -7.09
CA THR C 28 0.92 1.06 -8.50
C THR C 28 0.86 -0.40 -8.91
N LEU C 29 0.03 -0.75 -9.88
CA LEU C 29 0.01 -2.15 -10.34
C LEU C 29 -0.26 -2.22 -11.83
N GLU C 30 0.57 -3.05 -12.51
CA GLU C 30 0.52 -3.10 -13.98
C GLU C 30 0.49 -4.50 -14.57
N SER C 31 -0.54 -4.71 -15.40
CA SER C 31 -0.81 -6.00 -15.95
C SER C 31 -0.45 -5.98 -17.46
N THR C 32 0.60 -6.67 -17.83
CA THR C 32 0.99 -7.12 -19.17
C THR C 32 1.55 -8.53 -19.23
N TRP C 33 1.23 -9.31 -20.25
CA TRP C 33 1.99 -10.52 -20.70
C TRP C 33 2.13 -10.52 -22.19
N MET D 3 -0.59 -7.08 -22.60
CA MET D 3 -1.67 -6.42 -21.84
C MET D 3 -2.53 -7.43 -21.13
N GLY D 4 -3.02 -7.10 -19.90
CA GLY D 4 -3.36 -8.17 -18.88
C GLY D 4 -4.47 -7.66 -18.06
N ALA D 5 -4.83 -8.41 -17.03
CA ALA D 5 -5.99 -8.10 -16.16
C ALA D 5 -5.55 -7.35 -14.91
N THR D 6 -6.06 -6.13 -14.71
CA THR D 6 -5.77 -5.31 -13.53
C THR D 6 -6.93 -5.40 -12.47
N ALA D 7 -6.62 -5.16 -11.17
CA ALA D 7 -7.50 -5.14 -10.03
C ALA D 7 -6.95 -4.37 -8.87
N VAL D 8 -7.76 -3.40 -8.42
CA VAL D 8 -7.51 -2.73 -7.14
C VAL D 8 -8.67 -2.92 -6.20
N SER D 9 -8.34 -2.97 -4.90
CA SER D 9 -9.37 -3.36 -4.00
C SER D 9 -8.89 -3.07 -2.65
N GLU D 10 -9.29 -1.88 -2.16
CA GLU D 10 -8.82 -1.23 -0.97
C GLU D 10 -9.93 -1.30 0.16
N TRP D 11 -9.65 -1.79 1.38
CA TRP D 11 -10.53 -1.81 2.47
C TRP D 11 -9.81 -1.03 3.47
N THR D 12 -10.14 0.24 3.51
CA THR D 12 -9.48 1.18 4.29
C THR D 12 -10.46 1.72 5.32
N GLU D 13 -9.99 1.68 6.64
CA GLU D 13 -10.78 2.44 7.69
C GLU D 13 -9.79 3.23 8.59
N TYR D 14 -9.88 4.57 8.68
CA TYR D 14 -8.92 5.56 9.27
C TYR D 14 -9.69 6.52 10.17
N LYS D 15 -9.29 6.64 11.45
CA LYS D 15 -10.05 7.48 12.41
C LYS D 15 -9.09 8.39 13.09
N THR D 16 -9.32 9.66 13.03
CA THR D 16 -8.71 10.83 13.74
C THR D 16 -9.65 11.18 14.99
N ALA D 17 -9.02 11.19 16.17
CA ALA D 17 -9.67 11.90 17.22
C ALA D 17 -9.73 13.46 16.95
N ASP D 18 -8.78 14.00 16.22
CA ASP D 18 -8.77 15.43 15.85
C ASP D 18 -8.42 15.48 14.36
N GLY D 19 -9.42 15.64 13.47
CA GLY D 19 -9.30 15.60 12.02
C GLY D 19 -8.44 16.71 11.46
N LYS D 20 -7.10 16.49 11.42
CA LYS D 20 -6.09 17.43 10.84
C LYS D 20 -5.03 16.76 9.92
N THR D 21 -5.17 15.48 9.60
CA THR D 21 -4.23 14.52 8.97
C THR D 21 -3.61 15.08 7.70
N PHE D 22 -2.28 14.91 7.50
CA PHE D 22 -1.57 15.14 6.26
C PHE D 22 -1.58 13.88 5.46
N TYR D 23 -2.54 13.74 4.52
CA TYR D 23 -2.97 12.55 3.82
C TYR D 23 -2.77 12.69 2.27
N TYR D 24 -2.15 11.68 1.65
CA TYR D 24 -2.11 11.28 0.28
C TYR D 24 -2.66 9.82 0.10
N ASN D 25 -3.69 9.52 -0.72
CA ASN D 25 -4.03 8.16 -1.31
C ASN D 25 -4.03 8.27 -2.87
N ASN D 26 -3.32 7.37 -3.62
CA ASN D 26 -3.37 7.29 -5.09
C ASN D 26 -3.40 5.83 -5.54
N ARG D 27 -4.19 5.52 -6.59
CA ARG D 27 -4.12 4.28 -7.35
C ARG D 27 -3.64 4.62 -8.74
N THR D 28 -2.64 3.93 -9.18
CA THR D 28 -2.26 3.86 -10.57
C THR D 28 -2.64 2.44 -10.96
N LEU D 29 -3.72 2.31 -11.70
CA LEU D 29 -4.48 1.06 -11.92
C LEU D 29 -4.53 0.84 -13.45
N GLU D 30 -3.68 -0.03 -13.94
CA GLU D 30 -3.44 -0.27 -15.34
C GLU D 30 -3.52 -1.79 -15.84
N SER D 31 -4.44 -2.01 -16.75
CA SER D 31 -4.55 -3.26 -17.49
C SER D 31 -3.74 -3.17 -18.80
N THR D 32 -2.99 -2.06 -18.92
CA THR D 32 -2.07 -1.77 -20.03
C THR D 32 -2.98 -1.45 -21.20
N TRP D 33 -3.12 -0.22 -21.65
CA TRP D 33 -3.89 0.21 -22.85
C TRP D 33 -3.24 -0.44 -24.10
N MET A 3 7.43 -14.01 -19.45
CA MET A 3 7.27 -15.30 -18.81
C MET A 3 8.01 -15.36 -17.46
N GLY A 4 7.15 -15.45 -16.44
CA GLY A 4 7.49 -15.33 -15.02
C GLY A 4 6.24 -14.97 -14.19
N ALA A 5 6.44 -15.17 -12.83
CA ALA A 5 5.41 -14.97 -11.84
C ALA A 5 5.97 -14.93 -10.39
N THR A 6 5.59 -13.99 -9.55
CA THR A 6 5.94 -13.80 -8.11
C THR A 6 4.78 -13.26 -7.22
N ALA A 7 5.03 -13.29 -5.89
CA ALA A 7 4.14 -12.87 -4.81
C ALA A 7 4.87 -12.24 -3.65
N VAL A 8 4.49 -10.96 -3.34
CA VAL A 8 4.82 -10.27 -2.13
C VAL A 8 3.51 -10.21 -1.31
N SER A 9 3.47 -10.73 -0.07
CA SER A 9 2.54 -10.40 1.03
C SER A 9 3.20 -9.87 2.24
N GLU A 10 2.60 -8.85 2.90
CA GLU A 10 3.26 -8.27 4.10
C GLU A 10 2.20 -8.22 5.22
N TRP A 11 2.62 -8.15 6.52
CA TRP A 11 1.90 -7.95 7.75
C TRP A 11 2.60 -6.88 8.61
N THR A 12 1.85 -5.85 9.01
CA THR A 12 2.39 -4.72 9.71
C THR A 12 1.61 -4.35 10.99
N GLU A 13 2.29 -4.39 12.14
CA GLU A 13 1.67 -4.23 13.51
C GLU A 13 2.36 -3.04 14.21
N TYR A 14 2.04 -1.83 13.81
CA TYR A 14 2.84 -0.70 14.28
C TYR A 14 1.92 0.03 15.28
N LYS A 15 2.35 0.06 16.56
CA LYS A 15 1.76 0.78 17.68
C LYS A 15 2.82 1.43 18.53
N THR A 16 2.77 2.78 18.66
CA THR A 16 3.83 3.66 19.14
C THR A 16 3.24 4.65 20.18
N ALA A 17 3.57 4.40 21.47
CA ALA A 17 3.04 5.20 22.61
C ALA A 17 3.34 6.68 22.55
N ASP A 18 4.57 6.92 22.44
CA ASP A 18 5.20 8.21 22.50
C ASP A 18 5.72 8.51 21.14
N GLY A 19 4.95 9.29 20.38
CA GLY A 19 5.21 9.56 18.95
C GLY A 19 6.74 9.68 18.60
N LYS A 20 7.15 8.78 17.79
CA LYS A 20 8.52 8.61 17.27
C LYS A 20 8.61 8.14 15.83
N THR A 21 7.80 7.19 15.44
CA THR A 21 7.87 6.47 14.15
C THR A 21 7.73 7.32 12.90
N PHE A 22 8.80 7.21 12.08
CA PHE A 22 8.79 7.47 10.65
C PHE A 22 9.04 6.08 10.00
N TYR A 23 7.98 5.57 9.33
CA TYR A 23 8.07 4.33 8.67
C TYR A 23 7.81 4.48 7.16
N TYR A 24 8.95 4.46 6.42
CA TYR A 24 9.03 4.24 4.93
C TYR A 24 9.02 2.75 4.63
N ASN A 25 8.16 2.24 3.77
CA ASN A 25 8.23 0.91 3.25
C ASN A 25 8.07 0.82 1.73
N ASN A 26 9.19 0.67 1.02
CA ASN A 26 9.21 0.67 -0.47
C ASN A 26 9.51 -0.68 -1.19
N ARG A 27 8.56 -1.60 -1.29
CA ARG A 27 8.68 -2.85 -2.01
C ARG A 27 8.30 -2.71 -3.50
N THR A 28 9.26 -2.98 -4.40
CA THR A 28 8.87 -3.50 -5.69
C THR A 28 8.61 -5.06 -5.58
N LEU A 29 7.86 -5.55 -6.55
CA LEU A 29 8.26 -6.90 -6.90
C LEU A 29 8.08 -7.00 -8.38
N GLU A 30 8.89 -7.85 -9.05
CA GLU A 30 9.11 -7.72 -10.48
C GLU A 30 8.99 -9.17 -10.92
N SER A 31 7.93 -9.53 -11.55
CA SER A 31 7.74 -10.88 -11.94
C SER A 31 8.64 -11.29 -13.12
N THR A 32 8.99 -10.30 -13.95
CA THR A 32 9.55 -10.61 -15.28
C THR A 32 10.83 -9.71 -15.64
N TRP A 33 10.64 -8.42 -15.55
CA TRP A 33 11.70 -7.48 -15.77
C TRP A 33 11.98 -6.84 -14.41
N MET B 3 2.50 -19.09 -11.64
CA MET B 3 1.37 -18.92 -12.52
C MET B 3 1.88 -17.90 -13.56
N GLY B 4 1.35 -16.69 -13.61
CA GLY B 4 1.75 -15.76 -14.70
C GLY B 4 1.42 -14.36 -14.14
N ALA B 5 2.44 -13.55 -14.09
CA ALA B 5 2.57 -12.22 -13.55
C ALA B 5 2.42 -12.14 -12.00
N THR B 6 1.73 -11.19 -11.47
CA THR B 6 2.08 -10.59 -10.17
C THR B 6 0.93 -10.43 -9.21
N ALA B 7 1.20 -10.63 -7.92
CA ALA B 7 0.21 -10.65 -6.82
C ALA B 7 0.70 -9.90 -5.65
N VAL B 8 -0.02 -8.88 -5.13
CA VAL B 8 0.38 -8.23 -3.88
C VAL B 8 -0.71 -8.12 -2.84
N SER B 9 -0.30 -8.28 -1.55
CA SER B 9 -1.15 -8.12 -0.37
C SER B 9 -0.58 -7.32 0.77
N GLU B 10 -1.43 -6.66 1.55
CA GLU B 10 -1.09 -6.06 2.84
C GLU B 10 -2.19 -6.38 3.85
N TRP B 11 -1.76 -6.56 5.14
CA TRP B 11 -2.51 -6.41 6.38
C TRP B 11 -1.75 -5.42 7.32
N THR B 12 -2.48 -4.37 7.63
CA THR B 12 -1.88 -3.29 8.32
C THR B 12 -2.73 -2.80 9.49
N GLU B 13 -2.19 -2.80 10.73
CA GLU B 13 -2.84 -2.21 11.93
C GLU B 13 -1.82 -1.12 12.32
N TYR B 14 -2.28 0.08 12.33
CA TYR B 14 -1.66 1.30 12.77
C TYR B 14 -2.49 1.89 13.83
N LYS B 15 -1.99 1.91 15.10
CA LYS B 15 -2.71 2.40 16.24
C LYS B 15 -1.98 3.44 17.13
N THR B 16 -1.33 4.39 16.53
CA THR B 16 -0.54 5.46 17.15
C THR B 16 -1.32 6.79 17.26
N ALA B 17 -1.71 7.15 18.49
CA ALA B 17 -2.61 8.23 18.66
C ALA B 17 -1.96 9.57 18.39
N ASP B 18 -0.79 9.77 18.99
CA ASP B 18 -0.17 11.08 19.17
C ASP B 18 0.18 11.84 17.85
N GLY B 19 -0.02 13.18 17.75
CA GLY B 19 0.17 14.02 16.59
C GLY B 19 1.59 14.20 16.23
N LYS B 20 2.20 13.06 15.84
CA LYS B 20 3.64 13.03 15.42
C LYS B 20 3.90 12.13 14.18
N THR B 21 3.14 11.05 14.03
CA THR B 21 3.54 9.88 13.23
C THR B 21 3.76 10.16 11.71
N PHE B 22 4.82 9.65 11.07
CA PHE B 22 5.19 9.80 9.67
C PHE B 22 5.12 8.39 9.02
N TYR B 23 4.45 8.22 7.85
CA TYR B 23 4.30 6.90 7.25
C TYR B 23 4.09 7.01 5.74
N TYR B 24 4.84 6.19 5.01
CA TYR B 24 5.02 6.22 3.57
C TYR B 24 5.02 4.81 2.98
N ASN B 25 4.06 4.45 2.06
CA ASN B 25 4.00 3.22 1.34
C ASN B 25 4.07 3.38 -0.14
N ASN B 26 5.05 2.72 -0.70
CA ASN B 26 5.24 2.61 -2.18
C ASN B 26 5.35 1.19 -2.60
N ARG B 27 4.26 0.76 -3.32
CA ARG B 27 3.89 -0.59 -3.65
C ARG B 27 3.79 -0.63 -5.17
N THR B 28 4.70 -1.38 -5.76
CA THR B 28 4.88 -1.42 -7.27
C THR B 28 5.05 -2.86 -7.79
N LEU B 29 3.95 -3.41 -8.30
CA LEU B 29 3.87 -4.72 -9.01
C LEU B 29 4.14 -4.39 -10.46
N GLU B 30 5.05 -5.10 -11.09
CA GLU B 30 5.16 -5.21 -12.51
C GLU B 30 4.89 -6.61 -13.09
N SER B 31 4.21 -6.61 -14.23
CA SER B 31 4.51 -7.59 -15.29
C SER B 31 4.54 -6.73 -16.56
N THR B 32 5.64 -6.81 -17.31
CA THR B 32 5.81 -6.02 -18.47
C THR B 32 6.35 -6.81 -19.69
N TRP B 33 6.21 -6.29 -20.89
CA TRP B 33 6.74 -6.82 -22.13
C TRP B 33 8.20 -6.40 -22.15
N MET C 3 -1.96 -16.67 -14.15
CA MET C 3 -3.03 -15.73 -14.45
C MET C 3 -2.72 -14.92 -15.74
N GLY C 4 -1.50 -14.39 -15.84
CA GLY C 4 -1.30 -13.19 -16.67
C GLY C 4 -2.17 -12.05 -16.07
N ALA C 5 -1.85 -11.59 -14.83
CA ALA C 5 -2.58 -10.37 -14.31
C ALA C 5 -1.79 -9.76 -13.11
N THR C 6 -2.31 -8.58 -12.65
CA THR C 6 -1.90 -7.91 -11.45
C THR C 6 -3.12 -7.60 -10.58
N ALA C 7 -2.98 -7.90 -9.30
CA ALA C 7 -4.07 -7.55 -8.32
C ALA C 7 -3.44 -7.08 -7.00
N VAL C 8 -3.89 -5.88 -6.60
CA VAL C 8 -3.56 -5.25 -5.28
C VAL C 8 -4.75 -5.32 -4.26
N SER C 9 -4.51 -6.09 -3.23
CA SER C 9 -5.52 -6.38 -2.17
C SER C 9 -4.95 -5.88 -0.79
N GLU C 10 -5.49 -4.81 -0.25
CA GLU C 10 -4.86 -4.03 0.83
C GLU C 10 -5.92 -3.96 1.98
N TRP C 11 -5.58 -4.27 3.21
CA TRP C 11 -6.43 -4.17 4.40
C TRP C 11 -5.81 -3.21 5.42
N THR C 12 -6.15 -1.93 5.37
CA THR C 12 -5.57 -0.95 6.25
C THR C 12 -6.56 -0.64 7.34
N GLU C 13 -6.11 -0.77 8.63
CA GLU C 13 -6.71 -0.14 9.78
C GLU C 13 -5.71 0.79 10.38
N TYR C 14 -6.06 2.03 10.70
CA TYR C 14 -5.18 3.23 10.85
C TYR C 14 -5.89 4.24 11.72
N LYS C 15 -5.27 4.65 12.85
CA LYS C 15 -5.95 5.39 13.90
C LYS C 15 -5.04 6.43 14.55
N THR C 16 -5.46 7.65 14.73
CA THR C 16 -4.75 8.85 15.19
C THR C 16 -5.79 9.57 16.09
N ALA C 17 -5.30 10.26 17.14
CA ALA C 17 -6.04 11.16 17.91
C ALA C 17 -5.90 12.58 17.24
N ASP C 18 -4.75 13.26 17.33
CA ASP C 18 -4.47 14.56 16.80
C ASP C 18 -3.84 14.39 15.41
N GLY C 19 -4.46 14.88 14.33
CA GLY C 19 -3.88 14.80 13.00
C GLY C 19 -2.59 15.42 12.63
N LYS C 20 -1.65 15.82 13.47
CA LYS C 20 -0.31 16.31 13.11
C LYS C 20 0.54 15.04 12.81
N THR C 21 0.06 14.29 11.78
CA THR C 21 0.30 12.91 11.42
C THR C 21 0.40 12.88 9.81
N PHE C 22 1.46 12.30 9.28
CA PHE C 22 1.81 12.36 7.90
C PHE C 22 1.66 10.97 7.24
N TYR C 23 0.90 10.88 6.17
CA TYR C 23 0.47 9.66 5.51
C TYR C 23 0.49 9.93 3.98
N TYR C 24 1.25 9.07 3.30
CA TYR C 24 1.24 8.87 1.87
C TYR C 24 1.08 7.30 1.50
N ASN C 25 0.30 7.03 0.50
CA ASN C 25 0.10 5.64 0.01
C ASN C 25 -0.13 5.62 -1.46
N ASN C 26 0.84 5.23 -2.30
CA ASN C 26 0.87 5.09 -3.70
C ASN C 26 0.95 3.59 -4.03
N ARG C 27 -0.04 3.15 -4.76
CA ARG C 27 -0.14 1.84 -5.44
C ARG C 27 -0.14 1.96 -6.93
N THR C 28 0.70 1.11 -7.52
CA THR C 28 1.04 1.01 -8.91
C THR C 28 1.04 -0.51 -9.25
N LEU C 29 0.14 -0.87 -10.19
CA LEU C 29 0.15 -2.21 -10.67
C LEU C 29 -0.24 -2.22 -12.18
N GLU C 30 0.51 -2.98 -12.98
CA GLU C 30 0.46 -3.06 -14.40
C GLU C 30 0.54 -4.48 -14.94
N SER C 31 -0.38 -4.88 -15.81
CA SER C 31 -0.54 -6.25 -16.41
C SER C 31 -0.11 -6.39 -17.82
N THR C 32 0.97 -7.11 -18.05
CA THR C 32 1.55 -7.50 -19.34
C THR C 32 2.30 -8.80 -19.20
N TRP C 33 1.80 -9.87 -19.77
CA TRP C 33 2.28 -11.21 -19.71
C TRP C 33 2.67 -11.74 -21.08
N MET D 3 -0.39 -8.13 -22.64
CA MET D 3 -1.40 -7.38 -21.95
C MET D 3 -2.14 -8.38 -21.08
N GLY D 4 -2.45 -7.90 -19.87
CA GLY D 4 -3.11 -8.68 -18.86
C GLY D 4 -4.26 -7.93 -18.14
N ALA D 5 -4.99 -8.68 -17.36
CA ALA D 5 -6.16 -8.18 -16.57
C ALA D 5 -5.62 -7.47 -15.40
N THR D 6 -6.40 -6.62 -14.83
CA THR D 6 -5.95 -5.88 -13.64
C THR D 6 -7.02 -5.73 -12.50
N ALA D 7 -6.64 -5.77 -11.16
CA ALA D 7 -7.53 -5.57 -10.01
C ALA D 7 -6.96 -4.57 -9.07
N VAL D 8 -7.75 -3.60 -8.69
CA VAL D 8 -7.54 -2.89 -7.37
C VAL D 8 -8.55 -3.28 -6.40
N SER D 9 -8.11 -3.31 -5.13
CA SER D 9 -9.12 -3.59 -4.06
C SER D 9 -8.68 -3.14 -2.68
N GLU D 10 -9.06 -1.94 -2.26
CA GLU D 10 -8.63 -1.36 -1.04
C GLU D 10 -9.72 -1.37 0.05
N TRP D 11 -9.55 -2.14 1.09
CA TRP D 11 -10.43 -2.08 2.26
C TRP D 11 -9.67 -1.13 3.21
N THR D 12 -9.92 0.19 3.03
CA THR D 12 -9.42 1.31 3.89
C THR D 12 -10.52 1.57 4.98
N GLU D 13 -10.18 1.42 6.28
CA GLU D 13 -10.94 1.94 7.39
C GLU D 13 -10.12 2.76 8.38
N TYR D 14 -10.34 4.08 8.50
CA TYR D 14 -9.39 4.91 9.24
C TYR D 14 -10.21 5.89 10.09
N LYS D 15 -9.54 6.38 11.14
CA LYS D 15 -10.22 7.13 12.21
C LYS D 15 -9.30 8.14 12.90
N THR D 16 -9.71 9.38 12.85
CA THR D 16 -9.27 10.62 13.43
C THR D 16 -10.13 10.95 14.60
N ALA D 17 -9.52 11.50 15.71
CA ALA D 17 -10.33 12.32 16.59
C ALA D 17 -10.40 13.78 16.12
N ASP D 18 -9.29 14.39 15.75
CA ASP D 18 -9.30 15.78 15.29
C ASP D 18 -8.66 15.84 13.90
N GLY D 19 -9.41 16.29 12.88
CA GLY D 19 -9.12 15.96 11.51
C GLY D 19 -8.11 16.89 10.80
N LYS D 20 -6.94 16.96 11.48
CA LYS D 20 -5.79 17.60 10.91
C LYS D 20 -5.01 16.78 9.95
N THR D 21 -5.34 15.49 9.74
CA THR D 21 -4.40 14.48 9.13
C THR D 21 -3.95 14.83 7.67
N PHE D 22 -2.61 14.82 7.46
CA PHE D 22 -1.94 15.05 6.17
C PHE D 22 -1.98 13.70 5.47
N TYR D 23 -2.79 13.63 4.44
CA TYR D 23 -3.21 12.39 3.74
C TYR D 23 -3.15 12.46 2.18
N TYR D 24 -2.41 11.45 1.55
CA TYR D 24 -2.38 11.15 0.12
C TYR D 24 -2.70 9.70 -0.13
N ASN D 25 -3.63 9.40 -1.02
CA ASN D 25 -3.96 8.06 -1.52
C ASN D 25 -4.05 8.11 -3.11
N ASN D 26 -3.33 7.23 -3.85
CA ASN D 26 -3.35 7.06 -5.33
C ASN D 26 -3.41 5.57 -5.71
N ARG D 27 -4.27 5.25 -6.67
CA ARG D 27 -4.14 4.09 -7.54
C ARG D 27 -3.80 4.58 -8.96
N THR D 28 -2.72 3.99 -9.54
CA THR D 28 -2.47 3.84 -10.94
C THR D 28 -2.64 2.34 -11.19
N LEU D 29 -3.87 2.05 -11.80
CA LEU D 29 -4.42 0.73 -12.02
C LEU D 29 -4.29 0.58 -13.58
N GLU D 30 -3.34 -0.26 -14.04
CA GLU D 30 -3.35 -0.59 -15.50
C GLU D 30 -3.47 -2.09 -15.78
N SER D 31 -4.23 -2.27 -16.91
CA SER D 31 -4.40 -3.53 -17.72
C SER D 31 -3.65 -3.46 -19.01
N THR D 32 -2.95 -2.34 -19.28
CA THR D 32 -2.16 -2.11 -20.56
C THR D 32 -3.05 -1.86 -21.73
N TRP D 33 -3.20 -0.57 -22.05
CA TRP D 33 -4.22 -0.03 -22.95
C TRP D 33 -3.87 -0.50 -24.33
N MET A 3 5.58 -16.39 -19.78
CA MET A 3 5.81 -17.20 -18.49
C MET A 3 6.60 -16.25 -17.53
N GLY A 4 5.92 -16.11 -16.39
CA GLY A 4 6.45 -15.31 -15.26
C GLY A 4 5.36 -14.96 -14.30
N ALA A 5 5.57 -15.18 -12.98
CA ALA A 5 4.69 -14.78 -11.93
C ALA A 5 5.52 -14.58 -10.64
N THR A 6 5.21 -13.60 -9.83
CA THR A 6 5.74 -13.25 -8.46
C THR A 6 4.59 -12.78 -7.47
N ALA A 7 4.79 -12.96 -6.15
CA ALA A 7 3.87 -12.36 -5.11
C ALA A 7 4.58 -11.70 -4.00
N VAL A 8 3.99 -10.71 -3.44
CA VAL A 8 4.48 -10.09 -2.23
C VAL A 8 3.35 -10.00 -1.24
N SER A 9 3.74 -10.18 0.02
CA SER A 9 2.90 -9.92 1.19
C SER A 9 3.72 -9.29 2.32
N GLU A 10 3.04 -8.57 3.22
CA GLU A 10 3.45 -8.40 4.63
C GLU A 10 2.31 -8.10 5.49
N TRP A 11 2.42 -8.37 6.80
CA TRP A 11 1.56 -7.83 7.91
C TRP A 11 2.43 -6.80 8.73
N THR A 12 1.77 -5.68 8.95
CA THR A 12 2.35 -4.66 9.81
C THR A 12 1.50 -4.52 11.09
N GLU A 13 2.20 -4.37 12.21
CA GLU A 13 1.51 -4.14 13.48
C GLU A 13 2.31 -3.20 14.26
N TYR A 14 2.05 -1.93 14.04
CA TYR A 14 2.76 -0.83 14.70
C TYR A 14 1.79 -0.14 15.67
N LYS A 15 2.34 0.16 16.80
CA LYS A 15 1.71 0.92 17.89
C LYS A 15 2.75 1.62 18.79
N THR A 16 2.78 2.98 18.66
CA THR A 16 3.73 3.76 19.34
C THR A 16 3.24 4.66 20.47
N ALA A 17 3.80 4.45 21.63
CA ALA A 17 3.53 5.38 22.76
C ALA A 17 4.04 6.79 22.55
N ASP A 18 5.30 7.19 22.91
CA ASP A 18 5.69 8.57 22.54
C ASP A 18 5.87 8.59 21.04
N GLY A 19 5.25 9.44 20.23
CA GLY A 19 5.37 9.50 18.77
C GLY A 19 6.82 9.56 18.41
N LYS A 20 7.22 8.50 17.68
CA LYS A 20 8.65 8.26 17.42
C LYS A 20 8.89 7.69 16.03
N THR A 21 8.08 6.72 15.67
CA THR A 21 8.39 5.86 14.48
C THR A 21 8.43 6.67 13.25
N PHE A 22 9.47 6.39 12.44
CA PHE A 22 9.62 6.83 11.05
C PHE A 22 9.73 5.51 10.32
N TYR A 23 8.77 5.26 9.37
CA TYR A 23 8.80 3.95 8.64
C TYR A 23 8.50 4.12 7.18
N TYR A 24 9.60 4.14 6.45
CA TYR A 24 9.55 4.08 5.04
C TYR A 24 9.62 2.61 4.57
N ASN A 25 8.77 2.24 3.61
CA ASN A 25 8.59 0.89 3.06
C ASN A 25 8.31 0.88 1.52
N ASN A 26 9.34 0.73 0.69
CA ASN A 26 9.27 0.87 -0.75
C ASN A 26 9.62 -0.46 -1.38
N ARG A 27 8.77 -1.24 -2.01
CA ARG A 27 8.99 -2.60 -2.46
C ARG A 27 8.45 -2.84 -3.83
N THR A 28 9.34 -3.16 -4.79
CA THR A 28 8.92 -3.69 -6.09
C THR A 28 8.39 -5.13 -5.91
N LEU A 29 7.70 -5.67 -6.88
CA LEU A 29 7.89 -7.13 -7.18
C LEU A 29 7.80 -7.30 -8.71
N GLU A 30 8.59 -8.22 -9.31
CA GLU A 30 9.25 -7.98 -10.64
C GLU A 30 9.08 -9.24 -11.33
N SER A 31 8.06 -9.50 -12.07
CA SER A 31 7.74 -10.78 -12.57
C SER A 31 8.45 -11.17 -13.85
N THR A 32 8.56 -10.19 -14.76
CA THR A 32 8.68 -10.39 -16.19
C THR A 32 10.04 -9.79 -16.54
N TRP A 33 10.28 -8.55 -16.21
CA TRP A 33 11.56 -7.81 -16.53
C TRP A 33 12.08 -6.85 -15.36
N MET B 3 1.51 -18.21 -11.95
CA MET B 3 0.13 -17.90 -12.36
C MET B 3 0.27 -17.16 -13.72
N GLY B 4 0.37 -15.79 -13.66
CA GLY B 4 1.04 -14.99 -14.68
C GLY B 4 0.87 -13.55 -14.25
N ALA B 5 1.95 -12.79 -14.45
CA ALA B 5 2.09 -11.51 -13.82
C ALA B 5 1.79 -11.56 -12.30
N THR B 6 1.17 -10.61 -11.63
CA THR B 6 1.72 -10.17 -10.39
C THR B 6 0.75 -9.80 -9.30
N ALA B 7 0.98 -10.29 -8.06
CA ALA B 7 0.00 -10.06 -6.95
C ALA B 7 0.53 -9.50 -5.69
N VAL B 8 -0.15 -8.62 -4.98
CA VAL B 8 0.45 -8.10 -3.74
C VAL B 8 -0.59 -8.01 -2.66
N SER B 9 -0.10 -8.09 -1.45
CA SER B 9 -0.91 -7.77 -0.26
C SER B 9 -0.19 -6.95 0.78
N GLU B 10 -0.94 -6.26 1.61
CA GLU B 10 -0.55 -5.76 2.92
C GLU B 10 -1.73 -6.02 4.00
N TRP B 11 -1.36 -6.15 5.31
CA TRP B 11 -2.27 -6.37 6.45
C TRP B 11 -1.70 -5.49 7.58
N THR B 12 -1.85 -4.22 7.44
CA THR B 12 -1.40 -3.25 8.45
C THR B 12 -2.41 -2.97 9.56
N GLU B 13 -1.98 -3.06 10.79
CA GLU B 13 -2.70 -2.40 11.83
C GLU B 13 -1.73 -1.23 12.18
N TYR B 14 -2.04 0.07 12.09
CA TYR B 14 -1.17 1.25 12.54
C TYR B 14 -1.92 2.03 13.63
N LYS B 15 -1.45 2.01 14.87
CA LYS B 15 -2.17 2.64 15.97
C LYS B 15 -1.37 3.65 16.76
N THR B 16 -1.13 4.90 16.30
CA THR B 16 -0.33 5.87 17.12
C THR B 16 -0.97 7.22 17.24
N ALA B 17 -1.33 7.64 18.47
CA ALA B 17 -2.08 8.81 18.67
C ALA B 17 -1.43 10.09 18.09
N ASP B 18 -0.27 10.28 18.62
CA ASP B 18 0.53 11.54 18.57
C ASP B 18 0.88 11.96 17.20
N GLY B 19 0.53 13.19 16.88
CA GLY B 19 0.92 14.04 15.72
C GLY B 19 2.40 14.15 15.53
N LYS B 20 3.06 13.08 15.12
CA LYS B 20 4.53 12.91 15.19
C LYS B 20 5.04 11.75 14.24
N THR B 21 4.23 10.69 14.21
CA THR B 21 4.37 9.55 13.28
C THR B 21 4.62 9.95 11.78
N PHE B 22 5.67 9.43 11.20
CA PHE B 22 5.85 9.52 9.76
C PHE B 22 5.72 8.09 9.19
N TYR B 23 5.09 7.98 8.06
CA TYR B 23 5.02 6.72 7.26
C TYR B 23 5.17 7.02 5.76
N TYR B 24 5.78 6.06 5.03
CA TYR B 24 5.83 6.18 3.58
C TYR B 24 5.69 4.80 2.89
N ASN B 25 4.58 4.54 2.16
CA ASN B 25 4.40 3.33 1.39
C ASN B 25 4.58 3.62 -0.11
N ASN B 26 5.48 2.92 -0.78
CA ASN B 26 5.61 2.93 -2.23
C ASN B 26 5.65 1.45 -2.75
N ARG B 27 4.47 1.06 -3.17
CA ARG B 27 4.15 -0.29 -3.57
C ARG B 27 4.16 -0.41 -5.10
N THR B 28 4.81 -1.38 -5.71
CA THR B 28 4.83 -1.59 -7.14
C THR B 28 4.71 -3.10 -7.52
N LEU B 29 3.78 -3.46 -8.45
CA LEU B 29 3.62 -4.79 -9.05
C LEU B 29 3.82 -4.61 -10.57
N GLU B 30 4.91 -5.07 -11.20
CA GLU B 30 5.12 -5.01 -12.62
C GLU B 30 4.61 -6.26 -13.20
N SER B 31 3.99 -6.18 -14.40
CA SER B 31 4.21 -7.16 -15.46
C SER B 31 4.30 -6.34 -16.75
N THR B 32 5.41 -6.52 -17.40
CA THR B 32 5.78 -5.78 -18.64
C THR B 32 5.89 -6.64 -19.91
N TRP B 33 5.76 -5.94 -21.04
CA TRP B 33 5.95 -6.43 -22.43
C TRP B 33 7.36 -6.98 -22.64
N MET C 3 -2.58 -16.34 -15.06
CA MET C 3 -3.58 -15.30 -14.72
C MET C 3 -3.65 -14.39 -15.95
N GLY C 4 -2.53 -13.64 -16.17
CA GLY C 4 -2.49 -12.42 -17.06
C GLY C 4 -3.33 -11.39 -16.42
N ALA C 5 -2.80 -10.95 -15.28
CA ALA C 5 -3.41 -9.89 -14.41
C ALA C 5 -2.47 -9.36 -13.39
N THR C 6 -2.73 -8.18 -12.85
CA THR C 6 -2.13 -7.70 -11.63
C THR C 6 -3.30 -7.29 -10.69
N ALA C 7 -3.08 -7.44 -9.40
CA ALA C 7 -4.01 -7.00 -8.46
C ALA C 7 -3.43 -6.71 -7.06
N VAL C 8 -3.78 -5.51 -6.53
CA VAL C 8 -3.34 -5.03 -5.19
C VAL C 8 -4.29 -5.30 -4.09
N SER C 9 -4.00 -6.09 -3.09
CA SER C 9 -4.95 -6.43 -1.99
C SER C 9 -4.41 -5.88 -0.67
N GLU C 10 -4.38 -4.61 -0.55
CA GLU C 10 -4.06 -3.82 0.60
C GLU C 10 -5.13 -3.81 1.70
N TRP C 11 -4.81 -4.21 2.95
CA TRP C 11 -5.59 -3.82 4.18
C TRP C 11 -4.74 -2.86 5.00
N THR C 12 -5.29 -1.74 5.49
CA THR C 12 -4.67 -0.90 6.52
C THR C 12 -5.75 -0.37 7.44
N GLU C 13 -5.75 -0.67 8.75
CA GLU C 13 -6.57 0.00 9.78
C GLU C 13 -5.66 0.93 10.55
N TYR C 14 -5.87 2.27 10.42
CA TYR C 14 -4.93 3.27 10.76
C TYR C 14 -5.64 4.28 11.75
N LYS C 15 -5.11 4.30 13.00
CA LYS C 15 -5.68 5.18 13.94
C LYS C 15 -4.70 6.29 14.39
N THR C 16 -5.20 7.56 14.22
CA THR C 16 -4.35 8.71 14.51
C THR C 16 -5.17 9.72 15.31
N ALA C 17 -4.64 10.31 16.40
CA ALA C 17 -5.38 11.36 17.15
C ALA C 17 -5.03 12.76 16.62
N ASP C 18 -3.84 13.10 16.24
CA ASP C 18 -3.57 14.47 15.84
C ASP C 18 -3.09 14.46 14.39
N GLY C 19 -3.72 15.20 13.55
CA GLY C 19 -3.46 15.16 12.14
C GLY C 19 -2.11 15.63 11.68
N LYS C 20 -1.30 16.20 12.52
CA LYS C 20 0.09 16.60 12.35
C LYS C 20 1.00 15.35 11.97
N THR C 21 0.55 14.10 12.18
CA THR C 21 1.03 12.86 11.55
C THR C 21 1.03 12.88 10.01
N PHE C 22 2.06 12.37 9.34
CA PHE C 22 2.31 12.23 7.89
C PHE C 22 2.08 10.81 7.46
N TYR C 23 1.22 10.73 6.48
CA TYR C 23 0.94 9.44 5.85
C TYR C 23 1.06 9.69 4.33
N TYR C 24 1.79 8.83 3.61
CA TYR C 24 1.82 8.78 2.19
C TYR C 24 1.71 7.32 1.66
N ASN C 25 0.92 7.05 0.61
CA ASN C 25 0.91 5.75 -0.01
C ASN C 25 0.81 5.92 -1.56
N ASN C 26 1.84 5.54 -2.28
CA ASN C 26 1.88 5.50 -3.84
C ASN C 26 1.84 4.06 -4.26
N ARG C 27 0.70 3.47 -4.66
CA ARG C 27 0.43 2.09 -4.94
C ARG C 27 0.30 1.85 -6.47
N THR C 28 1.07 0.94 -7.10
CA THR C 28 1.04 0.80 -8.58
C THR C 28 0.79 -0.68 -8.83
N LEU C 29 0.03 -0.97 -9.89
CA LEU C 29 0.06 -2.22 -10.58
C LEU C 29 -0.26 -2.11 -12.05
N GLU C 30 0.38 -2.96 -12.88
CA GLU C 30 0.30 -2.94 -14.40
C GLU C 30 0.31 -4.34 -14.96
N SER C 31 -0.75 -4.65 -15.74
CA SER C 31 -1.06 -5.98 -16.34
C SER C 31 -0.54 -6.11 -17.78
N THR C 32 0.56 -6.94 -17.95
CA THR C 32 1.07 -7.45 -19.20
C THR C 32 1.66 -8.84 -18.97
N TRP C 33 1.61 -9.70 -19.97
CA TRP C 33 1.99 -11.11 -19.80
C TRP C 33 2.27 -11.98 -21.09
N MET D 3 -0.88 -8.00 -22.40
CA MET D 3 -1.89 -7.31 -21.72
C MET D 3 -2.79 -8.27 -20.96
N GLY D 4 -2.98 -7.91 -19.64
CA GLY D 4 -3.87 -8.67 -18.69
C GLY D 4 -5.01 -7.83 -18.14
N ALA D 5 -5.64 -8.30 -17.06
CA ALA D 5 -6.76 -7.65 -16.31
C ALA D 5 -6.27 -7.01 -15.02
N THR D 6 -6.91 -5.96 -14.43
CA THR D 6 -6.34 -5.02 -13.45
C THR D 6 -7.28 -4.84 -12.30
N ALA D 7 -6.86 -5.05 -11.02
CA ALA D 7 -7.71 -4.89 -9.85
C ALA D 7 -7.01 -3.95 -8.87
N VAL D 8 -7.73 -2.88 -8.48
CA VAL D 8 -7.41 -2.15 -7.22
C VAL D 8 -8.37 -2.37 -6.12
N SER D 9 -7.81 -2.67 -4.93
CA SER D 9 -8.69 -3.21 -3.97
C SER D 9 -7.95 -3.06 -2.57
N GLU D 10 -8.39 -1.90 -1.98
CA GLU D 10 -7.75 -1.31 -0.79
C GLU D 10 -8.75 -1.02 0.32
N TRP D 11 -8.32 -1.26 1.57
CA TRP D 11 -9.23 -1.19 2.72
C TRP D 11 -8.61 -0.21 3.68
N THR D 12 -9.08 1.03 3.60
CA THR D 12 -8.31 2.16 4.09
C THR D 12 -9.15 2.71 5.26
N GLU D 13 -9.34 1.95 6.37
CA GLU D 13 -9.92 2.58 7.60
C GLU D 13 -8.89 3.51 8.28
N TYR D 14 -8.52 4.62 7.65
CA TYR D 14 -7.83 5.70 8.27
C TYR D 14 -8.77 6.66 8.96
N LYS D 15 -8.53 6.82 10.24
CA LYS D 15 -9.40 7.67 11.00
C LYS D 15 -8.44 8.58 11.78
N THR D 16 -8.75 9.92 11.66
CA THR D 16 -8.09 10.99 12.39
C THR D 16 -9.03 11.57 13.38
N ALA D 17 -8.68 11.50 14.68
CA ALA D 17 -9.50 12.08 15.75
C ALA D 17 -9.68 13.58 15.51
N ASP D 18 -8.63 14.36 15.46
CA ASP D 18 -8.62 15.67 14.81
C ASP D 18 -7.96 15.59 13.48
N GLY D 19 -8.81 15.89 12.49
CA GLY D 19 -8.59 15.98 11.02
C GLY D 19 -7.69 17.19 10.67
N LYS D 20 -6.56 17.46 11.36
CA LYS D 20 -5.46 18.25 10.80
C LYS D 20 -4.51 17.40 9.88
N THR D 21 -5.05 16.40 9.18
CA THR D 21 -4.34 15.32 8.55
C THR D 21 -3.39 15.86 7.51
N PHE D 22 -2.23 15.20 7.36
CA PHE D 22 -1.59 15.05 6.02
C PHE D 22 -1.62 13.57 5.67
N TYR D 23 -2.39 13.16 4.61
CA TYR D 23 -2.68 11.80 4.08
C TYR D 23 -2.75 11.75 2.53
N TYR D 24 -1.83 11.11 1.87
CA TYR D 24 -1.66 11.01 0.44
C TYR D 24 -1.91 9.62 -0.04
N ASN D 25 -2.70 9.42 -1.08
CA ASN D 25 -3.15 8.14 -1.56
C ASN D 25 -3.41 8.13 -3.09
N ASN D 26 -2.51 7.43 -3.82
CA ASN D 26 -2.52 7.32 -5.27
C ASN D 26 -2.43 5.88 -5.72
N ARG D 27 -3.55 5.43 -6.35
CA ARG D 27 -3.59 4.36 -7.27
C ARG D 27 -3.11 4.76 -8.62
N THR D 28 -2.13 4.02 -9.21
CA THR D 28 -2.02 4.01 -10.67
C THR D 28 -2.44 2.64 -11.17
N LEU D 29 -3.35 2.48 -12.13
CA LEU D 29 -4.27 1.32 -12.28
C LEU D 29 -4.42 1.15 -13.77
N GLU D 30 -3.70 0.18 -14.32
CA GLU D 30 -3.59 -0.11 -15.78
C GLU D 30 -3.81 -1.54 -16.10
N SER D 31 -4.49 -1.85 -17.17
CA SER D 31 -4.66 -3.19 -17.75
C SER D 31 -3.70 -3.28 -19.00
N THR D 32 -2.89 -2.24 -19.24
CA THR D 32 -2.18 -2.07 -20.49
C THR D 32 -3.09 -1.81 -21.66
N TRP D 33 -3.59 -0.59 -21.73
CA TRP D 33 -4.46 0.00 -22.79
C TRP D 33 -3.76 -0.16 -24.16
N MET A 3 7.40 -14.31 -19.67
CA MET A 3 7.37 -15.51 -18.85
C MET A 3 7.96 -15.06 -17.49
N GLY A 4 7.03 -14.90 -16.50
CA GLY A 4 7.39 -14.71 -15.07
C GLY A 4 6.14 -14.38 -14.20
N ALA A 5 6.27 -14.70 -12.88
CA ALA A 5 5.31 -14.60 -11.84
C ALA A 5 5.96 -14.42 -10.50
N THR A 6 5.59 -13.32 -9.78
CA THR A 6 5.99 -13.04 -8.34
C THR A 6 4.84 -12.72 -7.40
N ALA A 7 5.10 -12.77 -6.14
CA ALA A 7 4.24 -12.42 -5.06
C ALA A 7 4.97 -11.77 -3.91
N VAL A 8 4.40 -10.77 -3.28
CA VAL A 8 4.87 -10.15 -2.00
C VAL A 8 3.61 -10.07 -1.15
N SER A 9 3.57 -10.56 0.11
CA SER A 9 2.46 -10.56 1.04
C SER A 9 3.02 -10.08 2.40
N GLU A 10 2.44 -9.02 2.99
CA GLU A 10 3.13 -8.34 4.12
C GLU A 10 2.12 -8.14 5.19
N TRP A 11 2.57 -7.96 6.45
CA TRP A 11 1.77 -7.82 7.62
C TRP A 11 2.49 -6.81 8.44
N THR A 12 1.76 -5.76 8.84
CA THR A 12 2.36 -4.61 9.61
C THR A 12 1.51 -4.52 10.87
N GLU A 13 2.02 -4.81 12.08
CA GLU A 13 1.40 -4.56 13.40
C GLU A 13 2.15 -3.45 14.13
N TYR A 14 1.66 -2.21 14.06
CA TYR A 14 2.48 -1.04 14.43
C TYR A 14 1.73 -0.09 15.35
N LYS A 15 2.12 -0.21 16.61
CA LYS A 15 1.68 0.63 17.78
C LYS A 15 2.88 1.24 18.49
N THR A 16 2.79 2.52 18.75
CA THR A 16 3.79 3.37 19.27
C THR A 16 2.97 4.23 20.28
N ALA A 17 3.26 4.18 21.56
CA ALA A 17 2.74 4.97 22.63
C ALA A 17 3.43 6.39 22.58
N ASP A 18 4.71 6.59 22.62
CA ASP A 18 5.30 7.95 22.44
C ASP A 18 5.61 8.20 20.97
N GLY A 19 4.87 9.08 20.33
CA GLY A 19 5.12 9.27 18.88
C GLY A 19 6.59 9.47 18.44
N LYS A 20 7.15 8.58 17.58
CA LYS A 20 8.62 8.49 17.29
C LYS A 20 8.88 7.85 15.90
N THR A 21 8.11 6.75 15.61
CA THR A 21 7.99 6.13 14.30
C THR A 21 7.99 7.16 13.10
N PHE A 22 8.97 6.86 12.21
CA PHE A 22 8.94 7.24 10.79
C PHE A 22 9.16 5.96 10.07
N TYR A 23 8.08 5.49 9.43
CA TYR A 23 8.12 4.17 8.77
C TYR A 23 7.87 4.39 7.28
N TYR A 24 9.00 4.63 6.61
CA TYR A 24 9.08 4.32 5.18
C TYR A 24 9.00 2.85 4.78
N ASN A 25 8.26 2.52 3.76
CA ASN A 25 8.24 1.22 3.19
C ASN A 25 8.07 1.22 1.66
N ASN A 26 9.05 0.78 0.85
CA ASN A 26 9.01 0.66 -0.63
C ASN A 26 9.44 -0.69 -1.17
N ARG A 27 8.60 -1.47 -1.82
CA ARG A 27 8.97 -2.78 -2.32
C ARG A 27 8.49 -2.84 -3.78
N THR A 28 9.41 -3.05 -4.66
CA THR A 28 8.97 -3.62 -5.96
C THR A 28 8.85 -5.13 -5.77
N LEU A 29 8.02 -5.80 -6.57
CA LEU A 29 8.34 -7.16 -6.98
C LEU A 29 8.26 -7.17 -8.50
N GLU A 30 9.23 -7.82 -9.11
CA GLU A 30 9.50 -7.82 -10.52
C GLU A 30 9.31 -9.22 -10.97
N SER A 31 8.09 -9.47 -11.55
CA SER A 31 7.85 -10.86 -12.02
C SER A 31 8.74 -11.29 -13.16
N THR A 32 9.10 -10.31 -14.00
CA THR A 32 9.66 -10.42 -15.36
C THR A 32 11.01 -9.60 -15.53
N TRP A 33 10.94 -8.26 -15.38
CA TRP A 33 11.99 -7.32 -15.56
C TRP A 33 12.22 -6.56 -14.26
N MET B 3 0.33 -20.08 -14.30
CA MET B 3 0.02 -18.75 -13.80
C MET B 3 0.88 -17.67 -14.34
N GLY B 4 0.54 -16.36 -14.12
CA GLY B 4 1.16 -15.27 -14.82
C GLY B 4 1.04 -13.92 -14.08
N ALA B 5 2.12 -13.14 -14.13
CA ALA B 5 2.33 -11.84 -13.58
C ALA B 5 2.27 -11.82 -12.03
N THR B 6 1.70 -10.76 -11.40
CA THR B 6 2.23 -10.24 -10.12
C THR B 6 1.10 -9.91 -9.09
N ALA B 7 1.38 -10.23 -7.82
CA ALA B 7 0.43 -10.29 -6.74
C ALA B 7 0.83 -9.73 -5.39
N VAL B 8 0.17 -8.68 -4.90
CA VAL B 8 0.59 -7.97 -3.74
C VAL B 8 -0.55 -7.95 -2.76
N SER B 9 -0.10 -8.18 -1.50
CA SER B 9 -1.02 -8.16 -0.37
C SER B 9 -0.30 -7.31 0.60
N GLU B 10 -1.13 -6.64 1.48
CA GLU B 10 -0.81 -5.97 2.76
C GLU B 10 -1.95 -6.25 3.73
N TRP B 11 -1.64 -6.53 4.98
CA TRP B 11 -2.55 -6.49 6.14
C TRP B 11 -2.02 -5.51 7.17
N THR B 12 -2.69 -4.44 7.45
CA THR B 12 -2.12 -3.35 8.16
C THR B 12 -3.04 -2.83 9.32
N GLU B 13 -2.37 -2.74 10.47
CA GLU B 13 -2.83 -2.23 11.75
C GLU B 13 -1.95 -1.06 12.23
N TYR B 14 -2.56 0.12 12.31
CA TYR B 14 -1.86 1.32 12.63
C TYR B 14 -2.59 2.07 13.74
N LYS B 15 -1.96 2.09 14.99
CA LYS B 15 -2.60 2.45 16.12
C LYS B 15 -1.72 3.44 16.85
N THR B 16 -1.35 4.55 16.22
CA THR B 16 -0.56 5.59 16.82
C THR B 16 -1.33 6.92 16.96
N ALA B 17 -2.01 7.08 18.15
CA ALA B 17 -2.87 8.25 18.44
C ALA B 17 -2.24 9.58 18.10
N ASP B 18 -1.14 9.82 18.85
CA ASP B 18 -0.33 11.03 18.82
C ASP B 18 -0.14 11.60 17.42
N GLY B 19 -0.63 12.86 17.20
CA GLY B 19 -0.34 13.53 15.95
C GLY B 19 1.12 13.72 15.70
N LYS B 20 1.77 12.82 14.99
CA LYS B 20 3.21 12.79 14.72
C LYS B 20 3.52 11.87 13.53
N THR B 21 3.65 10.56 13.70
CA THR B 21 3.68 9.41 12.82
C THR B 21 3.73 9.69 11.33
N PHE B 22 4.89 9.40 10.76
CA PHE B 22 5.20 9.59 9.38
C PHE B 22 5.16 8.15 8.77
N TYR B 23 4.25 8.04 7.83
CA TYR B 23 3.97 6.81 7.11
C TYR B 23 4.21 7.10 5.64
N TYR B 24 5.24 6.58 5.04
CA TYR B 24 5.29 6.57 3.56
C TYR B 24 5.14 5.13 3.03
N ASN B 25 4.35 4.87 2.00
CA ASN B 25 4.23 3.56 1.49
C ASN B 25 4.19 3.62 -0.01
N ASN B 26 5.06 2.75 -0.62
CA ASN B 26 5.17 2.63 -2.07
C ASN B 26 5.22 1.08 -2.36
N ARG B 27 4.54 0.70 -3.44
CA ARG B 27 4.17 -0.72 -3.65
C ARG B 27 4.03 -0.91 -5.16
N THR B 28 4.97 -1.58 -5.82
CA THR B 28 5.02 -1.63 -7.28
C THR B 28 5.12 -3.03 -7.82
N LEU B 29 4.05 -3.54 -8.47
CA LEU B 29 4.01 -4.83 -9.04
C LEU B 29 4.20 -4.54 -10.53
N GLU B 30 5.15 -5.24 -11.18
CA GLU B 30 5.37 -5.19 -12.61
C GLU B 30 5.16 -6.57 -13.19
N SER B 31 4.36 -6.61 -14.26
CA SER B 31 4.58 -7.62 -15.24
C SER B 31 4.74 -6.80 -16.54
N THR B 32 5.86 -6.93 -17.24
CA THR B 32 6.14 -6.10 -18.45
C THR B 32 6.59 -7.09 -19.51
N TRP B 33 6.34 -6.64 -20.78
CA TRP B 33 6.54 -7.47 -22.00
C TRP B 33 8.00 -7.97 -22.27
N MET C 3 -2.76 -16.73 -13.84
CA MET C 3 -3.69 -15.66 -14.05
C MET C 3 -3.42 -14.77 -15.31
N GLY C 4 -2.18 -14.27 -15.50
CA GLY C 4 -1.84 -13.29 -16.56
C GLY C 4 -2.53 -11.98 -16.25
N ALA C 5 -2.18 -11.46 -15.06
CA ALA C 5 -2.90 -10.44 -14.33
C ALA C 5 -2.14 -9.64 -13.31
N THR C 6 -2.54 -8.44 -12.91
CA THR C 6 -1.98 -7.89 -11.68
C THR C 6 -3.08 -7.44 -10.70
N ALA C 7 -2.91 -7.75 -9.47
CA ALA C 7 -3.91 -7.60 -8.43
C ALA C 7 -3.36 -7.05 -7.08
N VAL C 8 -3.77 -5.86 -6.66
CA VAL C 8 -3.37 -5.29 -5.36
C VAL C 8 -4.53 -5.32 -4.36
N SER C 9 -4.37 -6.20 -3.36
CA SER C 9 -5.44 -6.49 -2.40
C SER C 9 -5.06 -6.11 -0.96
N GLU C 10 -5.54 -4.91 -0.50
CA GLU C 10 -4.92 -4.08 0.50
C GLU C 10 -5.83 -3.74 1.63
N TRP C 11 -5.56 -4.20 2.89
CA TRP C 11 -6.41 -3.93 4.01
C TRP C 11 -5.81 -3.01 5.07
N THR C 12 -6.25 -1.76 5.24
CA THR C 12 -5.63 -0.88 6.24
C THR C 12 -6.65 -0.35 7.20
N GLU C 13 -6.51 -0.57 8.51
CA GLU C 13 -7.17 0.05 9.67
C GLU C 13 -6.15 0.86 10.44
N TYR C 14 -6.40 2.21 10.26
CA TYR C 14 -5.44 3.25 10.71
C TYR C 14 -6.13 4.32 11.56
N LYS C 15 -5.54 4.74 12.68
CA LYS C 15 -6.08 5.58 13.77
C LYS C 15 -5.04 6.62 14.21
N THR C 16 -5.50 7.87 14.41
CA THR C 16 -4.80 9.05 14.83
C THR C 16 -5.76 9.89 15.61
N ALA C 17 -5.32 10.74 16.50
CA ALA C 17 -6.16 11.74 17.06
C ALA C 17 -5.93 13.08 16.28
N ASP C 18 -4.80 13.78 16.51
CA ASP C 18 -4.42 15.05 15.96
C ASP C 18 -3.86 14.82 14.59
N GLY C 19 -4.61 15.14 13.47
CA GLY C 19 -4.22 14.77 12.14
C GLY C 19 -3.07 15.57 11.58
N LYS C 20 -2.21 16.16 12.45
CA LYS C 20 -0.95 16.63 12.05
C LYS C 20 0.00 15.48 11.70
N THR C 21 -0.36 14.19 11.99
CA THR C 21 0.22 12.99 11.42
C THR C 21 0.28 13.13 9.82
N PHE C 22 1.37 12.55 9.28
CA PHE C 22 1.66 12.50 7.81
C PHE C 22 1.55 11.13 7.12
N TYR C 23 0.84 10.98 5.97
CA TYR C 23 0.55 9.72 5.30
C TYR C 23 0.64 9.87 3.80
N TYR C 24 1.43 9.01 3.06
CA TYR C 24 1.53 8.98 1.66
C TYR C 24 1.33 7.48 1.31
N ASN C 25 0.35 7.20 0.43
CA ASN C 25 0.09 5.83 -0.10
C ASN C 25 0.05 5.77 -1.62
N ASN C 26 1.08 5.30 -2.35
CA ASN C 26 1.12 5.32 -3.81
C ASN C 26 1.28 3.81 -4.27
N ARG C 27 0.32 3.42 -5.10
CA ARG C 27 0.13 2.03 -5.43
C ARG C 27 0.10 1.89 -6.99
N THR C 28 1.09 1.09 -7.45
CA THR C 28 1.30 0.78 -8.89
C THR C 28 1.18 -0.69 -9.20
N LEU C 29 0.39 -1.08 -10.22
CA LEU C 29 0.42 -2.48 -10.79
C LEU C 29 0.06 -2.48 -12.26
N GLU C 30 0.91 -3.16 -13.12
CA GLU C 30 0.78 -3.21 -14.62
C GLU C 30 0.76 -4.67 -15.08
N SER C 31 -0.33 -5.05 -15.71
CA SER C 31 -0.56 -6.28 -16.36
C SER C 31 0.04 -6.27 -17.77
N THR C 32 1.19 -6.94 -17.98
CA THR C 32 1.66 -7.34 -19.35
C THR C 32 2.28 -8.73 -19.30
N TRP C 33 1.80 -9.58 -20.17
CA TRP C 33 2.20 -10.96 -20.17
C TRP C 33 2.16 -11.61 -21.62
N MET D 3 -0.57 -7.79 -22.64
CA MET D 3 -1.67 -7.13 -21.91
C MET D 3 -2.48 -8.19 -21.23
N GLY D 4 -2.96 -7.87 -19.97
CA GLY D 4 -3.77 -8.69 -19.05
C GLY D 4 -4.65 -7.97 -18.06
N ALA D 5 -5.31 -8.72 -17.20
CA ALA D 5 -6.37 -8.18 -16.33
C ALA D 5 -5.76 -7.44 -15.14
N THR D 6 -6.44 -6.40 -14.64
CA THR D 6 -5.88 -5.55 -13.59
C THR D 6 -6.93 -5.43 -12.43
N ALA D 7 -6.54 -5.57 -11.16
CA ALA D 7 -7.45 -5.30 -10.05
C ALA D 7 -6.74 -4.37 -8.99
N VAL D 8 -7.51 -3.42 -8.49
CA VAL D 8 -7.23 -2.74 -7.23
C VAL D 8 -8.44 -2.95 -6.37
N SER D 9 -8.17 -3.11 -5.07
CA SER D 9 -9.20 -3.49 -4.13
C SER D 9 -8.67 -2.93 -2.75
N GLU D 10 -8.89 -1.67 -2.45
CA GLU D 10 -8.59 -1.11 -1.17
C GLU D 10 -9.81 -1.17 -0.25
N TRP D 11 -9.61 -1.90 0.90
CA TRP D 11 -10.49 -1.84 1.99
C TRP D 11 -9.80 -1.02 3.09
N THR D 12 -10.02 0.32 3.01
CA THR D 12 -9.50 1.38 3.75
C THR D 12 -10.53 2.04 4.68
N GLU D 13 -10.05 2.14 5.91
CA GLU D 13 -10.76 2.67 7.06
C GLU D 13 -9.75 3.50 7.78
N TYR D 14 -9.93 4.83 7.79
CA TYR D 14 -8.93 5.76 8.37
C TYR D 14 -9.77 6.75 9.24
N LYS D 15 -9.24 7.12 10.46
CA LYS D 15 -10.02 7.86 11.37
C LYS D 15 -9.20 8.87 12.18
N THR D 16 -9.58 10.19 12.13
CA THR D 16 -9.11 11.27 12.98
C THR D 16 -10.18 11.73 13.93
N ALA D 17 -9.69 12.34 15.05
CA ALA D 17 -10.39 13.10 16.06
C ALA D 17 -10.41 14.57 15.62
N ASP D 18 -9.23 15.22 15.35
CA ASP D 18 -9.17 16.57 14.79
C ASP D 18 -8.63 16.57 13.40
N GLY D 19 -9.48 16.60 12.36
CA GLY D 19 -9.15 16.24 11.01
C GLY D 19 -8.20 17.14 10.28
N LYS D 20 -7.03 17.45 10.78
CA LYS D 20 -5.92 18.26 10.18
C LYS D 20 -5.14 17.35 9.13
N THR D 21 -5.67 16.19 8.67
CA THR D 21 -5.01 15.04 8.13
C THR D 21 -4.09 15.41 6.99
N PHE D 22 -2.78 15.07 6.95
CA PHE D 22 -1.91 15.32 5.78
C PHE D 22 -1.86 13.94 5.10
N TYR D 23 -2.78 13.75 4.11
CA TYR D 23 -3.14 12.41 3.47
C TYR D 23 -3.02 12.46 1.96
N TYR D 24 -2.20 11.57 1.40
CA TYR D 24 -2.14 11.25 -0.06
C TYR D 24 -2.50 9.76 -0.37
N ASN D 25 -3.28 9.50 -1.44
CA ASN D 25 -3.67 8.22 -1.92
C ASN D 25 -3.71 8.31 -3.42
N ASN D 26 -2.96 7.41 -3.99
CA ASN D 26 -2.87 7.22 -5.43
C ASN D 26 -2.92 5.71 -5.78
N ARG D 27 -3.66 5.37 -6.84
CA ARG D 27 -3.61 4.08 -7.53
C ARG D 27 -3.36 4.40 -8.98
N THR D 28 -2.26 3.85 -9.50
CA THR D 28 -1.97 3.76 -10.90
C THR D 28 -2.34 2.35 -11.22
N LEU D 29 -3.57 2.15 -11.84
CA LEU D 29 -4.32 0.92 -12.05
C LEU D 29 -4.28 0.59 -13.53
N GLU D 30 -3.48 -0.33 -14.01
CA GLU D 30 -3.28 -0.61 -15.45
C GLU D 30 -3.48 -2.11 -15.93
N SER D 31 -4.31 -2.28 -16.91
CA SER D 31 -4.46 -3.55 -17.69
C SER D 31 -3.33 -3.64 -18.76
N THR D 32 -2.45 -2.64 -18.98
CA THR D 32 -1.79 -2.28 -20.23
C THR D 32 -2.81 -2.09 -21.41
N TRP D 33 -3.34 -0.90 -21.44
CA TRP D 33 -4.25 -0.36 -22.47
C TRP D 33 -3.66 -0.43 -23.93
N MET A 3 7.74 -13.19 -19.17
CA MET A 3 7.46 -14.56 -18.71
C MET A 3 7.86 -14.81 -17.26
N GLY A 4 6.87 -15.14 -16.39
CA GLY A 4 6.98 -15.58 -15.04
C GLY A 4 6.11 -14.86 -14.06
N ALA A 5 6.18 -15.28 -12.82
CA ALA A 5 5.33 -14.86 -11.69
C ALA A 5 6.03 -14.51 -10.40
N THR A 6 5.58 -13.53 -9.60
CA THR A 6 6.05 -13.21 -8.22
C THR A 6 4.89 -12.84 -7.28
N ALA A 7 5.19 -12.99 -5.98
CA ALA A 7 4.45 -12.66 -4.78
C ALA A 7 5.40 -11.87 -3.86
N VAL A 8 4.93 -10.76 -3.30
CA VAL A 8 5.38 -10.07 -2.05
C VAL A 8 4.13 -9.94 -1.20
N SER A 9 4.23 -10.38 0.08
CA SER A 9 3.08 -10.43 0.95
C SER A 9 3.59 -10.09 2.34
N GLU A 10 3.01 -9.12 3.05
CA GLU A 10 3.43 -8.88 4.43
C GLU A 10 2.27 -8.42 5.29
N TRP A 11 2.57 -8.42 6.62
CA TRP A 11 1.73 -8.03 7.74
C TRP A 11 2.35 -6.81 8.52
N THR A 12 1.49 -5.87 8.95
CA THR A 12 1.92 -4.73 9.75
C THR A 12 1.07 -4.57 11.06
N GLU A 13 1.72 -4.58 12.22
CA GLU A 13 1.18 -4.29 13.51
C GLU A 13 2.05 -3.21 14.13
N TYR A 14 1.74 -1.92 13.79
CA TYR A 14 2.49 -0.72 14.20
C TYR A 14 1.78 0.04 15.28
N LYS A 15 2.21 0.00 16.54
CA LYS A 15 1.55 0.68 17.69
C LYS A 15 2.67 1.38 18.44
N THR A 16 2.62 2.73 18.44
CA THR A 16 3.64 3.56 19.09
C THR A 16 3.06 4.30 20.28
N ALA A 17 3.41 3.93 21.51
CA ALA A 17 2.91 4.61 22.68
C ALA A 17 3.35 6.08 22.76
N ASP A 18 4.61 6.38 22.48
CA ASP A 18 5.16 7.73 22.59
C ASP A 18 5.59 8.18 21.21
N GLY A 19 5.03 9.23 20.63
CA GLY A 19 5.22 9.68 19.19
C GLY A 19 6.74 9.69 18.87
N LYS A 20 7.09 8.87 17.90
CA LYS A 20 8.47 8.52 17.55
C LYS A 20 8.64 8.08 16.10
N THR A 21 7.71 7.23 15.63
CA THR A 21 7.98 6.35 14.47
C THR A 21 7.83 7.12 13.13
N PHE A 22 8.88 6.80 12.33
CA PHE A 22 8.96 7.16 10.92
C PHE A 22 8.90 5.86 10.18
N TYR A 23 7.88 5.54 9.38
CA TYR A 23 7.87 4.17 8.74
C TYR A 23 7.81 4.27 7.25
N TYR A 24 8.99 4.33 6.61
CA TYR A 24 9.20 4.29 5.15
C TYR A 24 9.36 2.78 4.74
N ASN A 25 8.51 2.32 3.85
CA ASN A 25 8.62 1.00 3.12
C ASN A 25 8.40 1.26 1.62
N ASN A 26 9.32 0.79 0.83
CA ASN A 26 9.17 1.02 -0.67
C ASN A 26 9.72 -0.24 -1.28
N ARG A 27 8.83 -1.11 -1.62
CA ARG A 27 9.13 -2.45 -2.07
C ARG A 27 8.48 -2.62 -3.35
N THR A 28 9.27 -3.07 -4.34
CA THR A 28 8.82 -3.51 -5.69
C THR A 28 8.46 -5.04 -5.57
N LEU A 29 7.86 -5.61 -6.60
CA LEU A 29 8.32 -6.98 -6.98
C LEU A 29 8.29 -7.03 -8.50
N GLU A 30 9.12 -7.85 -9.12
CA GLU A 30 9.33 -7.88 -10.56
C GLU A 30 9.28 -9.26 -11.12
N SER A 31 8.19 -9.50 -11.89
CA SER A 31 7.85 -10.85 -12.33
C SER A 31 8.59 -11.26 -13.59
N THR A 32 8.65 -10.28 -14.51
CA THR A 32 8.89 -10.41 -15.89
C THR A 32 10.16 -9.59 -16.41
N TRP A 33 10.28 -8.32 -16.00
CA TRP A 33 11.40 -7.39 -16.18
C TRP A 33 11.72 -6.61 -14.90
N MET B 3 0.94 -19.52 -12.35
CA MET B 3 0.30 -18.32 -12.98
C MET B 3 1.26 -17.58 -13.94
N GLY B 4 0.86 -16.39 -14.30
CA GLY B 4 1.61 -15.39 -14.89
C GLY B 4 1.21 -14.02 -14.31
N ALA B 5 2.18 -13.15 -14.08
CA ALA B 5 2.18 -11.83 -13.51
C ALA B 5 2.03 -11.95 -11.98
N THR B 6 1.47 -10.89 -11.34
CA THR B 6 2.15 -10.44 -10.14
C THR B 6 1.16 -10.26 -9.02
N ALA B 7 1.58 -10.61 -7.80
CA ALA B 7 0.70 -10.52 -6.67
C ALA B 7 1.39 -9.67 -5.55
N VAL B 8 0.65 -8.72 -5.00
CA VAL B 8 0.97 -8.03 -3.71
C VAL B 8 -0.13 -8.09 -2.55
N SER B 9 0.26 -8.17 -1.33
CA SER B 9 -0.65 -8.34 -0.19
C SER B 9 -0.08 -7.58 0.97
N GLU B 10 -0.92 -6.84 1.73
CA GLU B 10 -0.70 -6.24 2.98
C GLU B 10 -1.91 -6.33 3.92
N TRP B 11 -1.64 -6.60 5.18
CA TRP B 11 -2.61 -6.50 6.22
C TRP B 11 -2.03 -5.65 7.39
N THR B 12 -2.60 -4.45 7.50
CA THR B 12 -2.13 -3.49 8.43
C THR B 12 -3.08 -3.08 9.63
N GLU B 13 -2.47 -2.81 10.84
CA GLU B 13 -3.14 -2.22 11.99
C GLU B 13 -2.26 -1.05 12.40
N TYR B 14 -2.86 0.15 12.38
CA TYR B 14 -2.16 1.36 12.88
C TYR B 14 -3.01 1.86 14.04
N LYS B 15 -2.42 1.83 15.24
CA LYS B 15 -3.01 2.34 16.44
C LYS B 15 -2.14 3.30 17.26
N THR B 16 -1.64 4.33 16.65
CA THR B 16 -0.81 5.33 17.29
C THR B 16 -1.68 6.62 17.41
N ALA B 17 -1.83 6.95 18.70
CA ALA B 17 -2.71 8.06 19.04
C ALA B 17 -2.10 9.43 18.68
N ASP B 18 -0.90 9.59 19.19
CA ASP B 18 -0.19 10.84 19.16
C ASP B 18 -0.07 11.37 17.79
N GLY B 19 -0.45 12.60 17.59
CA GLY B 19 -0.33 13.29 16.34
C GLY B 19 1.10 13.69 16.04
N LYS B 20 1.75 12.77 15.35
CA LYS B 20 3.17 12.78 15.15
C LYS B 20 3.63 11.70 14.14
N THR B 21 3.06 10.47 14.22
CA THR B 21 3.47 9.32 13.40
C THR B 21 3.68 9.68 11.94
N PHE B 22 4.80 9.23 11.38
CA PHE B 22 5.08 9.36 9.97
C PHE B 22 4.86 8.00 9.32
N TYR B 23 4.12 7.94 8.22
CA TYR B 23 3.98 6.73 7.47
C TYR B 23 4.27 7.03 6.00
N TYR B 24 5.01 6.21 5.33
CA TYR B 24 5.21 6.28 3.90
C TYR B 24 5.19 4.88 3.31
N ASN B 25 4.39 4.60 2.26
CA ASN B 25 4.34 3.32 1.62
C ASN B 25 4.27 3.50 0.11
N ASN B 26 5.29 2.87 -0.53
CA ASN B 26 5.36 2.89 -2.00
C ASN B 26 5.34 1.46 -2.47
N ARG B 27 4.45 1.18 -3.37
CA ARG B 27 4.20 -0.18 -3.74
C ARG B 27 4.01 -0.33 -5.29
N THR B 28 4.81 -1.26 -5.92
CA THR B 28 5.01 -1.30 -7.36
C THR B 28 5.07 -2.73 -7.95
N LEU B 29 3.90 -3.26 -8.46
CA LEU B 29 3.80 -4.62 -9.00
C LEU B 29 3.96 -4.54 -10.54
N GLU B 30 4.96 -5.20 -11.10
CA GLU B 30 5.04 -5.23 -12.57
C GLU B 30 4.74 -6.56 -13.24
N SER B 31 4.06 -6.44 -14.34
CA SER B 31 4.15 -7.43 -15.36
C SER B 31 4.19 -6.65 -16.67
N THR B 32 5.27 -6.71 -17.43
CA THR B 32 5.47 -5.85 -18.60
C THR B 32 5.98 -6.68 -19.77
N TRP B 33 5.71 -6.15 -20.93
CA TRP B 33 6.14 -6.81 -22.16
C TRP B 33 7.66 -6.85 -22.34
N MET C 3 -2.80 -17.01 -14.42
CA MET C 3 -3.71 -15.90 -14.54
C MET C 3 -3.51 -14.78 -15.55
N GLY C 4 -2.24 -14.42 -15.94
CA GLY C 4 -1.91 -13.22 -16.75
C GLY C 4 -2.57 -11.94 -16.19
N ALA C 5 -2.31 -11.55 -14.91
CA ALA C 5 -3.01 -10.49 -14.23
C ALA C 5 -2.18 -9.92 -13.03
N THR C 6 -2.40 -8.62 -12.68
CA THR C 6 -1.82 -8.08 -11.42
C THR C 6 -2.93 -7.62 -10.51
N ALA C 7 -2.93 -8.08 -9.26
CA ALA C 7 -3.96 -7.70 -8.31
C ALA C 7 -3.30 -7.32 -6.97
N VAL C 8 -3.69 -6.17 -6.48
CA VAL C 8 -3.28 -5.60 -5.24
C VAL C 8 -4.43 -5.66 -4.15
N SER C 9 -4.35 -6.55 -3.19
CA SER C 9 -5.43 -6.81 -2.16
C SER C 9 -4.87 -6.36 -0.85
N GLU C 10 -5.44 -5.31 -0.36
CA GLU C 10 -4.85 -4.49 0.70
C GLU C 10 -5.87 -4.22 1.82
N TRP C 11 -5.42 -4.27 3.09
CA TRP C 11 -6.36 -4.20 4.23
C TRP C 11 -5.69 -3.28 5.35
N THR C 12 -6.20 -2.01 5.38
CA THR C 12 -5.63 -1.04 6.34
C THR C 12 -6.62 -0.52 7.43
N GLU C 13 -6.40 -0.79 8.69
CA GLU C 13 -7.29 -0.19 9.72
C GLU C 13 -6.40 0.71 10.49
N TYR C 14 -6.57 2.00 10.30
CA TYR C 14 -5.62 2.98 10.77
C TYR C 14 -6.33 4.00 11.68
N LYS C 15 -5.78 4.26 12.89
CA LYS C 15 -6.44 5.08 13.90
C LYS C 15 -5.45 5.95 14.50
N THR C 16 -5.77 7.24 14.59
CA THR C 16 -5.02 8.32 15.12
C THR C 16 -5.98 9.10 16.02
N ALA C 17 -5.38 9.89 16.96
CA ALA C 17 -6.03 11.05 17.53
C ALA C 17 -5.78 12.34 16.70
N ASP C 18 -4.68 13.06 16.83
CA ASP C 18 -4.46 14.33 16.11
C ASP C 18 -3.90 14.18 14.71
N GLY C 19 -4.55 14.79 13.73
CA GLY C 19 -4.23 14.37 12.36
C GLY C 19 -3.03 15.18 11.91
N LYS C 20 -2.25 15.76 12.79
CA LYS C 20 -0.92 16.36 12.47
C LYS C 20 0.03 15.15 12.04
N THR C 21 -0.40 13.91 12.25
CA THR C 21 0.19 12.65 11.76
C THR C 21 0.20 12.72 10.19
N PHE C 22 1.27 12.28 9.54
CA PHE C 22 1.50 12.33 8.07
C PHE C 22 1.49 10.91 7.55
N TYR C 23 0.89 10.65 6.41
CA TYR C 23 0.55 9.40 5.81
C TYR C 23 0.63 9.61 4.24
N TYR C 24 1.36 8.68 3.55
CA TYR C 24 1.36 8.68 2.08
C TYR C 24 1.31 7.17 1.67
N ASN C 25 0.39 6.83 0.74
CA ASN C 25 0.41 5.52 0.12
C ASN C 25 0.20 5.60 -1.38
N ASN C 26 1.10 5.04 -2.14
CA ASN C 26 1.15 5.14 -3.59
C ASN C 26 1.30 3.72 -4.12
N ARG C 27 0.19 3.16 -4.53
CA ARG C 27 0.13 1.86 -5.13
C ARG C 27 0.10 1.95 -6.65
N THR C 28 0.94 1.09 -7.27
CA THR C 28 1.02 0.97 -8.64
C THR C 28 0.90 -0.51 -9.02
N LEU C 29 0.06 -0.91 -10.04
CA LEU C 29 0.09 -2.27 -10.58
C LEU C 29 -0.26 -2.27 -12.07
N GLU C 30 0.46 -3.05 -12.88
CA GLU C 30 0.28 -3.21 -14.31
C GLU C 30 0.29 -4.63 -14.85
N SER C 31 -0.83 -4.97 -15.54
CA SER C 31 -1.08 -6.28 -16.18
C SER C 31 -0.60 -6.22 -17.61
N THR C 32 0.51 -6.83 -17.91
CA THR C 32 0.95 -7.10 -19.27
C THR C 32 1.61 -8.47 -19.32
N TRP C 33 1.02 -9.36 -20.12
CA TRP C 33 1.59 -10.61 -20.40
C TRP C 33 1.62 -10.87 -21.85
N MET D 3 -0.60 -7.97 -22.44
CA MET D 3 -1.77 -7.25 -21.94
C MET D 3 -2.58 -8.30 -21.19
N GLY D 4 -3.20 -7.90 -20.08
CA GLY D 4 -3.91 -8.78 -19.20
C GLY D 4 -4.86 -8.07 -18.28
N ALA D 5 -5.56 -8.82 -17.39
CA ALA D 5 -6.58 -8.15 -16.58
C ALA D 5 -5.95 -7.63 -15.30
N THR D 6 -6.63 -6.76 -14.56
CA THR D 6 -6.04 -6.08 -13.44
C THR D 6 -7.00 -5.95 -12.23
N ALA D 7 -6.53 -5.76 -11.01
CA ALA D 7 -7.50 -5.49 -9.86
C ALA D 7 -6.85 -4.63 -8.73
N VAL D 8 -7.65 -3.63 -8.28
CA VAL D 8 -7.40 -2.86 -7.01
C VAL D 8 -8.52 -3.01 -6.09
N SER D 9 -8.20 -3.33 -4.82
CA SER D 9 -9.20 -3.59 -3.83
C SER D 9 -8.57 -3.32 -2.50
N GLU D 10 -8.61 -2.06 -2.06
CA GLU D 10 -8.20 -1.56 -0.79
C GLU D 10 -9.45 -1.52 0.11
N TRP D 11 -9.44 -2.34 1.16
CA TRP D 11 -10.42 -2.23 2.23
C TRP D 11 -9.86 -1.40 3.38
N THR D 12 -10.26 -0.07 3.46
CA THR D 12 -9.67 1.03 4.26
C THR D 12 -10.80 1.65 5.21
N GLU D 13 -10.47 1.65 6.48
CA GLU D 13 -11.21 2.43 7.53
C GLU D 13 -10.17 3.35 8.11
N TYR D 14 -10.54 4.61 8.35
CA TYR D 14 -9.57 5.67 8.81
C TYR D 14 -10.24 6.62 9.79
N LYS D 15 -9.73 6.85 11.01
CA LYS D 15 -10.37 7.61 12.06
C LYS D 15 -9.33 8.52 12.76
N THR D 16 -9.49 9.88 12.63
CA THR D 16 -8.85 10.88 13.46
C THR D 16 -9.86 11.35 14.46
N ALA D 17 -9.49 11.57 15.72
CA ALA D 17 -10.29 12.39 16.66
C ALA D 17 -10.42 13.84 16.09
N ASP D 18 -9.31 14.55 15.71
CA ASP D 18 -9.31 15.91 15.25
C ASP D 18 -8.64 15.94 13.91
N GLY D 19 -9.49 16.18 12.91
CA GLY D 19 -9.32 15.85 11.46
C GLY D 19 -8.38 16.84 10.80
N LYS D 20 -7.06 16.83 11.16
CA LYS D 20 -6.06 17.67 10.62
C LYS D 20 -5.14 16.89 9.67
N THR D 21 -5.68 15.78 9.15
CA THR D 21 -4.99 14.64 8.48
C THR D 21 -4.10 15.01 7.32
N PHE D 22 -2.75 14.82 7.41
CA PHE D 22 -1.94 14.81 6.21
C PHE D 22 -1.93 13.40 5.62
N TYR D 23 -2.60 13.22 4.50
CA TYR D 23 -3.05 11.95 3.87
C TYR D 23 -2.86 12.12 2.35
N TYR D 24 -2.04 11.28 1.77
CA TYR D 24 -2.10 10.99 0.32
C TYR D 24 -2.42 9.52 0.07
N ASN D 25 -3.20 9.33 -0.98
CA ASN D 25 -3.57 8.02 -1.49
C ASN D 25 -3.65 8.12 -2.95
N ASN D 26 -3.05 7.21 -3.69
CA ASN D 26 -3.22 7.06 -5.11
C ASN D 26 -3.26 5.55 -5.54
N ARG D 27 -4.16 5.17 -6.43
CA ARG D 27 -4.10 3.94 -7.29
C ARG D 27 -3.84 4.35 -8.72
N THR D 28 -2.68 3.88 -9.25
CA THR D 28 -2.43 3.73 -10.63
C THR D 28 -2.73 2.23 -10.93
N LEU D 29 -3.86 1.96 -11.61
CA LEU D 29 -4.46 0.65 -11.79
C LEU D 29 -4.53 0.56 -13.29
N GLU D 30 -3.65 -0.24 -13.91
CA GLU D 30 -3.63 -0.60 -15.36
C GLU D 30 -3.65 -2.08 -15.77
N SER D 31 -4.24 -2.30 -16.97
CA SER D 31 -4.51 -3.58 -17.70
C SER D 31 -3.83 -3.53 -19.10
N THR D 32 -3.12 -2.46 -19.38
CA THR D 32 -2.42 -2.17 -20.58
C THR D 32 -3.39 -1.97 -21.83
N TRP D 33 -3.82 -0.70 -21.97
CA TRP D 33 -4.46 -0.09 -23.06
C TRP D 33 -3.85 -0.49 -24.42
N MET A 3 6.52 -16.12 -19.81
CA MET A 3 6.95 -16.83 -18.61
C MET A 3 7.47 -15.77 -17.59
N GLY A 4 6.63 -15.32 -16.67
CA GLY A 4 6.99 -14.24 -15.76
C GLY A 4 5.83 -13.97 -14.77
N ALA A 5 6.00 -14.28 -13.43
CA ALA A 5 4.98 -14.26 -12.35
C ALA A 5 5.63 -14.07 -10.94
N THR A 6 5.09 -13.19 -10.07
CA THR A 6 5.63 -12.90 -8.71
C THR A 6 4.46 -12.56 -7.81
N ALA A 7 4.60 -12.87 -6.50
CA ALA A 7 3.83 -12.38 -5.34
C ALA A 7 4.64 -11.70 -4.28
N VAL A 8 4.01 -10.72 -3.60
CA VAL A 8 4.62 -10.11 -2.33
C VAL A 8 3.52 -10.06 -1.24
N SER A 9 3.70 -10.40 0.05
CA SER A 9 2.74 -10.43 1.18
C SER A 9 3.50 -10.11 2.51
N GLU A 10 3.06 -9.11 3.29
CA GLU A 10 3.48 -8.93 4.67
C GLU A 10 2.36 -8.62 5.68
N TRP A 11 2.73 -8.72 6.97
CA TRP A 11 1.86 -8.43 8.13
C TRP A 11 2.49 -7.37 9.01
N THR A 12 1.74 -6.27 9.25
CA THR A 12 2.22 -5.06 9.89
C THR A 12 1.37 -4.75 11.08
N GLU A 13 1.98 -4.89 12.21
CA GLU A 13 1.22 -4.71 13.46
C GLU A 13 2.05 -3.63 14.14
N TYR A 14 1.77 -2.35 14.01
CA TYR A 14 2.57 -1.31 14.57
C TYR A 14 1.73 -0.51 15.49
N LYS A 15 2.21 -0.19 16.69
CA LYS A 15 1.69 0.60 17.74
C LYS A 15 2.96 1.18 18.50
N THR A 16 3.23 2.46 18.34
CA THR A 16 4.06 3.32 19.11
C THR A 16 3.11 4.13 20.14
N ALA A 17 3.64 4.39 21.36
CA ALA A 17 3.03 5.10 22.46
C ALA A 17 3.61 6.52 22.54
N ASP A 18 4.96 6.71 22.80
CA ASP A 18 5.51 8.05 22.82
C ASP A 18 5.85 8.40 21.35
N GLY A 19 5.14 9.32 20.81
CA GLY A 19 5.22 9.69 19.42
C GLY A 19 6.68 9.85 18.88
N LYS A 20 7.15 9.13 17.85
CA LYS A 20 8.50 9.05 17.32
C LYS A 20 8.64 8.54 15.83
N THR A 21 7.80 7.56 15.45
CA THR A 21 8.27 6.58 14.47
C THR A 21 8.36 7.24 13.12
N PHE A 22 9.27 6.83 12.25
CA PHE A 22 9.29 7.08 10.76
C PHE A 22 9.37 5.74 10.03
N TYR A 23 8.32 5.32 9.37
CA TYR A 23 8.31 4.07 8.70
C TYR A 23 8.11 4.16 7.21
N TYR A 24 9.17 3.84 6.42
CA TYR A 24 9.38 3.82 4.95
C TYR A 24 9.43 2.33 4.52
N ASN A 25 8.61 2.11 3.52
CA ASN A 25 8.66 0.79 2.85
C ASN A 25 8.37 0.94 1.31
N ASN A 26 9.42 1.18 0.56
CA ASN A 26 9.48 1.21 -0.92
C ASN A 26 9.73 -0.26 -1.45
N ARG A 27 8.66 -1.06 -1.82
CA ARG A 27 8.81 -2.45 -2.18
C ARG A 27 8.13 -2.76 -3.51
N THR A 28 8.90 -3.13 -4.47
CA THR A 28 8.47 -3.60 -5.76
C THR A 28 8.09 -5.01 -5.58
N LEU A 29 7.57 -5.49 -6.72
CA LEU A 29 7.94 -6.84 -7.15
C LEU A 29 7.86 -6.80 -8.71
N GLU A 30 8.56 -7.76 -9.24
CA GLU A 30 9.19 -7.62 -10.57
C GLU A 30 8.87 -8.83 -11.43
N SER A 31 7.60 -9.02 -11.86
CA SER A 31 7.23 -10.37 -12.43
C SER A 31 8.00 -10.79 -13.68
N THR A 32 8.43 -9.82 -14.47
CA THR A 32 8.87 -9.90 -15.90
C THR A 32 10.17 -9.18 -16.24
N TRP A 33 10.31 -7.96 -15.73
CA TRP A 33 11.46 -7.10 -16.12
C TRP A 33 11.91 -6.03 -15.09
N MET B 3 2.00 -18.05 -11.61
CA MET B 3 0.72 -17.94 -12.30
C MET B 3 0.89 -17.13 -13.67
N GLY B 4 1.10 -15.78 -13.67
CA GLY B 4 1.14 -14.98 -14.90
C GLY B 4 0.97 -13.52 -14.37
N ALA B 5 2.06 -12.76 -14.18
CA ALA B 5 2.08 -11.40 -13.58
C ALA B 5 1.93 -11.55 -12.09
N THR B 6 1.16 -10.69 -11.46
CA THR B 6 1.66 -9.98 -10.28
C THR B 6 0.52 -9.78 -9.26
N ALA B 7 0.74 -10.31 -8.03
CA ALA B 7 -0.09 -10.16 -6.87
C ALA B 7 0.55 -9.35 -5.77
N VAL B 8 -0.14 -8.42 -5.15
CA VAL B 8 0.39 -7.88 -3.85
C VAL B 8 -0.68 -8.00 -2.73
N SER B 9 -0.12 -8.03 -1.51
CA SER B 9 -0.86 -8.07 -0.29
C SER B 9 -0.26 -7.18 0.83
N GLU B 10 -1.17 -6.68 1.64
CA GLU B 10 -0.85 -6.13 2.89
C GLU B 10 -2.05 -6.36 3.82
N TRP B 11 -1.74 -6.65 5.08
CA TRP B 11 -2.69 -6.59 6.20
C TRP B 11 -2.03 -5.72 7.32
N THR B 12 -2.55 -4.46 7.61
CA THR B 12 -1.89 -3.43 8.42
C THR B 12 -2.87 -2.95 9.48
N GLU B 13 -2.28 -2.84 10.71
CA GLU B 13 -3.01 -2.50 11.89
C GLU B 13 -2.18 -1.41 12.57
N TYR B 14 -2.55 -0.15 12.40
CA TYR B 14 -1.72 1.00 12.71
C TYR B 14 -2.44 1.79 13.79
N LYS B 15 -2.12 1.68 15.06
CA LYS B 15 -2.92 2.32 16.07
C LYS B 15 -1.88 3.09 16.88
N THR B 16 -1.28 4.16 16.25
CA THR B 16 -0.46 5.17 16.84
C THR B 16 -1.29 6.50 16.86
N ALA B 17 -1.69 6.86 18.06
CA ALA B 17 -2.57 8.01 18.38
C ALA B 17 -1.82 9.33 18.01
N ASP B 18 -0.63 9.59 18.61
CA ASP B 18 0.03 10.91 18.50
C ASP B 18 0.45 11.37 17.15
N GLY B 19 0.12 12.66 17.00
CA GLY B 19 0.37 13.53 15.85
C GLY B 19 1.83 13.69 15.59
N LYS B 20 2.61 12.68 15.22
CA LYS B 20 4.04 12.71 15.20
C LYS B 20 4.56 11.64 14.24
N THR B 21 3.87 10.50 14.05
CA THR B 21 4.19 9.36 13.25
C THR B 21 4.50 9.86 11.78
N PHE B 22 5.55 9.35 11.13
CA PHE B 22 5.83 9.61 9.71
C PHE B 22 5.78 8.28 8.89
N TYR B 23 4.97 8.13 7.89
CA TYR B 23 4.79 6.88 7.16
C TYR B 23 4.88 7.13 5.70
N TYR B 24 5.72 6.41 5.02
CA TYR B 24 5.82 6.39 3.61
C TYR B 24 5.78 4.96 3.07
N ASN B 25 4.65 4.60 2.38
CA ASN B 25 4.53 3.31 1.70
C ASN B 25 4.64 3.55 0.17
N ASN B 26 5.46 2.74 -0.54
CA ASN B 26 5.53 2.70 -1.99
C ASN B 26 5.48 1.26 -2.54
N ARG B 27 4.25 0.75 -2.80
CA ARG B 27 3.93 -0.54 -3.48
C ARG B 27 3.89 -0.37 -4.98
N THR B 28 4.75 -1.19 -5.57
CA THR B 28 4.92 -1.22 -7.01
C THR B 28 4.78 -2.70 -7.50
N LEU B 29 3.82 -2.96 -8.40
CA LEU B 29 3.60 -4.18 -9.06
C LEU B 29 3.78 -4.19 -10.58
N GLU B 30 4.73 -4.95 -11.16
CA GLU B 30 4.93 -4.94 -12.64
C GLU B 30 4.67 -6.30 -13.40
N SER B 31 4.00 -6.23 -14.57
CA SER B 31 4.11 -7.28 -15.60
C SER B 31 4.19 -6.55 -16.88
N THR B 32 5.38 -6.42 -17.45
CA THR B 32 5.58 -5.56 -18.67
C THR B 32 5.92 -6.47 -19.92
N TRP B 33 5.69 -5.88 -21.12
CA TRP B 33 6.03 -6.46 -22.48
C TRP B 33 7.55 -6.57 -22.57
N MET C 3 -1.97 -16.36 -14.57
CA MET C 3 -3.12 -15.53 -14.41
C MET C 3 -3.22 -14.51 -15.55
N GLY C 4 -2.12 -13.85 -15.93
CA GLY C 4 -1.96 -12.68 -16.84
C GLY C 4 -2.93 -11.61 -16.41
N ALA C 5 -2.70 -11.18 -15.16
CA ALA C 5 -3.42 -10.04 -14.58
C ALA C 5 -2.73 -9.55 -13.30
N THR C 6 -2.88 -8.28 -12.98
CA THR C 6 -2.49 -7.67 -11.68
C THR C 6 -3.61 -7.21 -10.75
N ALA C 7 -3.43 -7.41 -9.47
CA ALA C 7 -4.46 -7.17 -8.45
C ALA C 7 -3.82 -6.84 -7.14
N VAL C 8 -4.14 -5.63 -6.66
CA VAL C 8 -3.71 -5.11 -5.35
C VAL C 8 -4.76 -5.38 -4.24
N SER C 9 -4.38 -6.06 -3.12
CA SER C 9 -5.33 -6.40 -2.08
C SER C 9 -4.69 -5.96 -0.78
N GLU C 10 -5.07 -4.72 -0.39
CA GLU C 10 -4.44 -4.09 0.73
C GLU C 10 -5.49 -3.84 1.81
N TRP C 11 -5.25 -4.29 3.05
CA TRP C 11 -6.19 -4.00 4.15
C TRP C 11 -5.41 -3.15 5.15
N THR C 12 -5.94 -1.91 5.33
CA THR C 12 -5.38 -0.96 6.26
C THR C 12 -6.42 -0.67 7.29
N GLU C 13 -6.25 -0.86 8.59
CA GLU C 13 -7.15 -0.26 9.66
C GLU C 13 -6.23 0.52 10.66
N TYR C 14 -6.41 1.87 10.46
CA TYR C 14 -5.35 2.84 10.76
C TYR C 14 -6.08 3.92 11.60
N LYS C 15 -5.51 4.28 12.74
CA LYS C 15 -6.16 5.17 13.76
C LYS C 15 -5.12 6.17 14.37
N THR C 16 -5.46 7.43 14.22
CA THR C 16 -4.71 8.60 14.61
C THR C 16 -5.73 9.34 15.52
N ALA C 17 -5.12 10.02 16.51
CA ALA C 17 -5.77 10.91 17.40
C ALA C 17 -5.80 12.32 16.75
N ASP C 18 -4.61 12.93 16.66
CA ASP C 18 -4.40 14.17 15.98
C ASP C 18 -3.72 13.91 14.67
N GLY C 19 -4.40 14.23 13.55
CA GLY C 19 -3.85 14.09 12.22
C GLY C 19 -2.62 14.91 11.84
N LYS C 20 -1.95 15.59 12.77
CA LYS C 20 -0.66 16.18 12.46
C LYS C 20 0.29 15.14 11.76
N THR C 21 0.11 13.82 12.04
CA THR C 21 0.75 12.58 11.51
C THR C 21 0.84 12.70 10.02
N PHE C 22 1.99 12.37 9.48
CA PHE C 22 2.18 12.21 7.97
C PHE C 22 1.94 10.83 7.46
N TYR C 23 1.19 10.70 6.34
CA TYR C 23 0.77 9.45 5.70
C TYR C 23 0.80 9.71 4.20
N TYR C 24 1.65 8.87 3.58
CA TYR C 24 1.87 8.72 2.15
C TYR C 24 1.69 7.21 1.80
N ASN C 25 0.67 6.84 0.94
CA ASN C 25 0.64 5.53 0.32
C ASN C 25 0.49 5.65 -1.20
N ASN C 26 1.52 5.43 -1.95
CA ASN C 26 1.40 5.34 -3.41
C ASN C 26 1.39 3.84 -3.89
N ARG C 27 0.36 3.50 -4.71
CA ARG C 27 0.03 2.10 -5.17
C ARG C 27 -0.09 2.08 -6.76
N THR C 28 0.83 1.34 -7.44
CA THR C 28 0.87 1.21 -8.87
C THR C 28 0.77 -0.29 -9.19
N LEU C 29 -0.11 -0.64 -10.14
CA LEU C 29 -0.17 -1.98 -10.68
C LEU C 29 -0.43 -2.14 -12.19
N GLU C 30 0.34 -2.95 -12.94
CA GLU C 30 0.21 -3.04 -14.41
C GLU C 30 0.17 -4.48 -15.04
N SER C 31 -0.74 -4.70 -16.00
CA SER C 31 -1.01 -6.01 -16.57
C SER C 31 -0.56 -6.03 -18.03
N THR C 32 0.61 -6.64 -18.30
CA THR C 32 1.03 -7.23 -19.59
C THR C 32 1.74 -8.57 -19.48
N TRP C 33 1.17 -9.59 -20.14
CA TRP C 33 1.68 -10.93 -19.97
C TRP C 33 1.93 -11.66 -21.32
N MET D 3 -1.27 -8.32 -22.82
CA MET D 3 -2.11 -7.30 -22.17
C MET D 3 -3.15 -8.02 -21.33
N GLY D 4 -3.13 -7.70 -19.99
CA GLY D 4 -3.96 -8.49 -19.09
C GLY D 4 -4.93 -7.75 -18.21
N ALA D 5 -5.61 -8.50 -17.35
CA ALA D 5 -6.70 -7.97 -16.54
C ALA D 5 -6.25 -7.18 -15.32
N THR D 6 -7.06 -6.28 -14.76
CA THR D 6 -6.69 -5.45 -13.61
C THR D 6 -7.69 -5.20 -12.51
N ALA D 7 -7.23 -5.17 -11.28
CA ALA D 7 -8.09 -4.94 -10.01
C ALA D 7 -7.42 -3.99 -9.01
N VAL D 8 -8.19 -3.06 -8.36
CA VAL D 8 -7.77 -2.34 -7.14
C VAL D 8 -8.74 -2.42 -6.00
N SER D 9 -8.20 -2.67 -4.82
CA SER D 9 -8.97 -3.27 -3.72
C SER D 9 -8.22 -2.99 -2.38
N GLU D 10 -8.60 -1.83 -1.77
CA GLU D 10 -8.06 -1.35 -0.57
C GLU D 10 -9.24 -1.28 0.47
N TRP D 11 -9.18 -2.03 1.57
CA TRP D 11 -10.12 -1.84 2.69
C TRP D 11 -9.45 -0.89 3.63
N THR D 12 -9.80 0.39 3.66
CA THR D 12 -9.12 1.64 4.19
C THR D 12 -10.08 2.27 5.23
N GLU D 13 -10.13 1.72 6.42
CA GLU D 13 -10.87 2.21 7.60
C GLU D 13 -9.83 3.11 8.31
N TYR D 14 -9.83 4.39 8.16
CA TYR D 14 -8.95 5.35 8.74
C TYR D 14 -9.89 6.19 9.69
N LYS D 15 -9.43 6.56 10.94
CA LYS D 15 -10.19 7.35 12.01
C LYS D 15 -9.28 8.35 12.71
N THR D 16 -9.71 9.60 12.76
CA THR D 16 -8.97 10.71 13.32
C THR D 16 -9.91 11.31 14.39
N ALA D 17 -9.45 11.40 15.67
CA ALA D 17 -10.13 12.25 16.68
C ALA D 17 -10.29 13.72 16.27
N ASP D 18 -9.16 14.39 16.04
CA ASP D 18 -9.03 15.72 15.33
C ASP D 18 -8.38 15.62 14.00
N GLY D 19 -9.09 15.87 12.93
CA GLY D 19 -8.61 15.47 11.59
C GLY D 19 -7.91 16.59 10.82
N LYS D 20 -6.69 16.88 11.26
CA LYS D 20 -5.74 17.74 10.58
C LYS D 20 -4.93 17.04 9.48
N THR D 21 -5.34 15.81 9.30
CA THR D 21 -4.79 14.72 8.57
C THR D 21 -3.75 15.11 7.43
N PHE D 22 -2.44 14.96 7.45
CA PHE D 22 -1.55 14.97 6.32
C PHE D 22 -1.59 13.65 5.66
N TYR D 23 -2.39 13.55 4.62
CA TYR D 23 -2.70 12.36 3.90
C TYR D 23 -2.48 12.54 2.44
N TYR D 24 -1.77 11.59 1.82
CA TYR D 24 -1.61 11.32 0.42
C TYR D 24 -2.03 9.89 0.13
N ASN D 25 -2.95 9.66 -0.82
CA ASN D 25 -3.20 8.32 -1.29
C ASN D 25 -3.41 8.42 -2.81
N ASN D 26 -2.70 7.58 -3.52
CA ASN D 26 -2.85 7.51 -5.03
C ASN D 26 -3.00 6.03 -5.53
N ARG D 27 -3.94 5.76 -6.43
CA ARG D 27 -3.99 4.58 -7.19
C ARG D 27 -3.81 4.88 -8.67
N THR D 28 -2.79 4.21 -9.24
CA THR D 28 -2.52 4.10 -10.68
C THR D 28 -2.74 2.65 -11.14
N LEU D 29 -3.84 2.35 -11.78
CA LEU D 29 -4.61 1.07 -11.96
C LEU D 29 -4.66 0.78 -13.48
N GLU D 30 -3.88 -0.16 -13.97
CA GLU D 30 -3.73 -0.44 -15.41
C GLU D 30 -3.84 -1.88 -15.91
N SER D 31 -4.66 -2.10 -16.93
CA SER D 31 -4.90 -3.35 -17.78
C SER D 31 -4.10 -3.19 -19.06
N THR D 32 -3.42 -2.08 -19.31
CA THR D 32 -2.65 -1.69 -20.45
C THR D 32 -3.47 -1.35 -21.65
N TRP D 33 -3.76 -0.07 -21.79
CA TRP D 33 -4.62 0.54 -22.80
C TRP D 33 -4.29 -0.07 -24.17
N MET A 3 5.20 -15.58 -19.59
CA MET A 3 5.72 -16.51 -18.61
C MET A 3 6.54 -15.77 -17.52
N GLY A 4 6.11 -15.82 -16.25
CA GLY A 4 6.71 -15.09 -15.11
C GLY A 4 5.61 -14.64 -14.14
N ALA A 5 5.75 -14.95 -12.82
CA ALA A 5 4.79 -14.88 -11.81
C ALA A 5 5.46 -14.63 -10.47
N THR A 6 4.99 -13.53 -9.75
CA THR A 6 5.50 -13.30 -8.41
C THR A 6 4.33 -13.04 -7.43
N ALA A 7 4.60 -13.17 -6.10
CA ALA A 7 3.62 -12.78 -5.13
C ALA A 7 4.24 -12.21 -3.78
N VAL A 8 4.01 -10.97 -3.33
CA VAL A 8 4.50 -10.34 -2.14
C VAL A 8 3.40 -10.31 -1.05
N SER A 9 3.86 -10.54 0.18
CA SER A 9 2.95 -10.25 1.35
C SER A 9 3.73 -9.43 2.37
N GLU A 10 3.02 -8.69 3.23
CA GLU A 10 3.46 -8.51 4.64
C GLU A 10 2.25 -8.18 5.62
N TRP A 11 2.53 -8.28 6.89
CA TRP A 11 1.75 -7.83 8.04
C TRP A 11 2.50 -6.79 8.81
N THR A 12 1.85 -5.66 9.13
CA THR A 12 2.41 -4.46 9.80
C THR A 12 1.60 -4.17 11.12
N GLU A 13 2.24 -4.31 12.33
CA GLU A 13 1.69 -4.10 13.71
C GLU A 13 2.56 -3.04 14.38
N TYR A 14 2.24 -1.74 14.13
CA TYR A 14 3.00 -0.63 14.52
C TYR A 14 2.09 0.08 15.57
N LYS A 15 2.41 0.00 16.87
CA LYS A 15 1.82 0.82 17.90
C LYS A 15 3.00 1.56 18.61
N THR A 16 2.89 2.88 18.73
CA THR A 16 3.92 3.71 19.32
C THR A 16 3.25 4.65 20.29
N ALA A 17 3.68 4.47 21.57
CA ALA A 17 3.37 5.29 22.73
C ALA A 17 3.76 6.76 22.52
N ASP A 18 5.08 6.98 22.46
CA ASP A 18 5.71 8.29 22.34
C ASP A 18 6.14 8.47 20.88
N GLY A 19 5.53 9.46 20.25
CA GLY A 19 5.76 9.86 18.89
C GLY A 19 7.22 9.86 18.48
N LYS A 20 7.60 8.97 17.55
CA LYS A 20 8.97 8.77 17.10
C LYS A 20 9.03 8.16 15.71
N THR A 21 8.16 7.21 15.36
CA THR A 21 8.35 6.24 14.29
C THR A 21 8.36 6.93 12.93
N PHE A 22 9.32 6.56 12.10
CA PHE A 22 9.43 6.85 10.68
C PHE A 22 9.67 5.52 9.97
N TYR A 23 8.81 5.16 9.08
CA TYR A 23 8.73 3.93 8.31
C TYR A 23 8.42 4.16 6.81
N TYR A 24 9.50 4.04 6.03
CA TYR A 24 9.57 3.98 4.61
C TYR A 24 9.53 2.47 4.22
N ASN A 25 8.70 2.07 3.25
CA ASN A 25 8.68 0.72 2.79
C ASN A 25 8.45 0.80 1.25
N ASN A 26 9.50 0.58 0.43
CA ASN A 26 9.44 0.69 -0.99
C ASN A 26 9.70 -0.72 -1.51
N ARG A 27 8.66 -1.53 -1.86
CA ARG A 27 8.86 -2.95 -2.25
C ARG A 27 8.34 -3.10 -3.66
N THR A 28 9.26 -3.23 -4.61
CA THR A 28 9.04 -3.89 -5.90
C THR A 28 8.57 -5.33 -5.76
N LEU A 29 7.79 -5.82 -6.72
CA LEU A 29 7.96 -7.26 -7.13
C LEU A 29 7.76 -7.36 -8.68
N GLU A 30 8.47 -8.37 -9.22
CA GLU A 30 9.15 -8.22 -10.46
C GLU A 30 8.90 -9.43 -11.35
N SER A 31 7.61 -9.76 -11.77
CA SER A 31 7.21 -11.09 -12.32
C SER A 31 7.89 -11.31 -13.62
N THR A 32 7.67 -10.50 -14.62
CA THR A 32 8.06 -10.75 -15.97
C THR A 32 9.42 -10.08 -16.32
N TRP A 33 9.69 -8.90 -15.75
CA TRP A 33 10.91 -8.20 -15.90
C TRP A 33 11.47 -7.83 -14.55
N MET B 3 2.03 -18.69 -11.42
CA MET B 3 0.76 -18.31 -12.11
C MET B 3 1.17 -17.47 -13.43
N GLY B 4 0.97 -16.16 -13.50
CA GLY B 4 1.24 -15.34 -14.69
C GLY B 4 0.96 -13.89 -14.37
N ALA B 5 1.99 -13.17 -13.99
CA ALA B 5 2.05 -11.77 -13.55
C ALA B 5 1.84 -11.78 -12.00
N THR B 6 1.19 -10.84 -11.37
CA THR B 6 1.73 -10.27 -10.13
C THR B 6 0.59 -9.93 -9.09
N ALA B 7 0.81 -10.42 -7.88
CA ALA B 7 -0.08 -10.29 -6.79
C ALA B 7 0.61 -9.57 -5.59
N VAL B 8 -0.14 -8.71 -4.87
CA VAL B 8 0.34 -7.97 -3.66
C VAL B 8 -0.70 -8.05 -2.53
N SER B 9 -0.20 -8.19 -1.30
CA SER B 9 -0.89 -8.30 -0.05
C SER B 9 -0.23 -7.33 0.94
N GLU B 10 -1.05 -6.53 1.67
CA GLU B 10 -0.77 -5.92 2.96
C GLU B 10 -1.93 -6.12 3.93
N TRP B 11 -1.59 -6.30 5.23
CA TRP B 11 -2.51 -6.24 6.38
C TRP B 11 -1.96 -5.31 7.44
N THR B 12 -2.46 -4.09 7.58
CA THR B 12 -1.91 -2.98 8.35
C THR B 12 -2.80 -2.68 9.52
N GLU B 13 -2.20 -2.55 10.72
CA GLU B 13 -2.78 -2.05 11.95
C GLU B 13 -1.83 -0.94 12.46
N TYR B 14 -2.33 0.27 12.36
CA TYR B 14 -1.74 1.49 12.82
C TYR B 14 -2.58 2.16 13.95
N LYS B 15 -2.04 2.15 15.16
CA LYS B 15 -2.60 2.72 16.34
C LYS B 15 -1.58 3.58 17.14
N THR B 16 -0.82 4.53 16.49
CA THR B 16 0.05 5.54 17.07
C THR B 16 -0.77 6.80 17.10
N ALA B 17 -1.27 7.14 18.29
CA ALA B 17 -2.33 8.13 18.56
C ALA B 17 -1.75 9.54 18.28
N ASP B 18 -0.61 9.80 18.85
CA ASP B 18 -0.05 11.16 18.92
C ASP B 18 0.38 11.67 17.55
N GLY B 19 0.12 12.92 17.19
CA GLY B 19 0.45 13.58 15.92
C GLY B 19 1.93 13.80 15.77
N LYS B 20 2.63 12.77 15.26
CA LYS B 20 4.12 12.87 15.14
C LYS B 20 4.69 11.90 14.12
N THR B 21 4.00 10.83 13.87
CA THR B 21 4.50 9.68 13.09
C THR B 21 4.66 10.08 11.62
N PHE B 22 5.56 9.36 10.88
CA PHE B 22 5.82 9.47 9.43
C PHE B 22 5.68 8.08 8.85
N TYR B 23 4.69 7.88 7.96
CA TYR B 23 4.54 6.67 7.18
C TYR B 23 4.67 6.91 5.68
N TYR B 24 5.41 6.05 4.98
CA TYR B 24 5.73 6.15 3.60
C TYR B 24 5.63 4.76 3.01
N ASN B 25 4.63 4.47 2.25
CA ASN B 25 4.47 3.22 1.52
C ASN B 25 4.55 3.54 0.05
N ASN B 26 5.32 2.72 -0.65
CA ASN B 26 5.44 2.77 -2.14
C ASN B 26 5.38 1.30 -2.59
N ARG B 27 4.29 0.91 -3.18
CA ARG B 27 4.05 -0.50 -3.59
C ARG B 27 3.97 -0.58 -5.13
N THR B 28 4.79 -1.47 -5.71
CA THR B 28 4.91 -1.57 -7.19
C THR B 28 4.76 -3.03 -7.65
N LEU B 29 3.79 -3.34 -8.54
CA LEU B 29 3.50 -4.65 -9.08
C LEU B 29 3.73 -4.46 -10.63
N GLU B 30 4.65 -5.29 -11.16
CA GLU B 30 4.92 -5.31 -12.55
C GLU B 30 4.56 -6.66 -13.06
N SER B 31 3.73 -6.62 -14.12
CA SER B 31 3.99 -7.43 -15.29
C SER B 31 4.02 -6.43 -16.47
N THR B 32 5.10 -6.45 -17.32
CA THR B 32 5.31 -5.53 -18.40
C THR B 32 5.64 -6.32 -19.71
N TRP B 33 5.42 -5.66 -20.80
CA TRP B 33 5.88 -6.15 -22.10
C TRP B 33 7.44 -6.39 -22.18
N MET C 3 -1.97 -16.48 -14.77
CA MET C 3 -3.26 -15.92 -14.52
C MET C 3 -3.61 -14.93 -15.61
N GLY C 4 -2.67 -13.95 -15.85
CA GLY C 4 -2.71 -13.00 -17.00
C GLY C 4 -3.42 -11.64 -16.53
N ALA C 5 -3.07 -11.20 -15.32
CA ALA C 5 -3.68 -10.08 -14.55
C ALA C 5 -2.80 -9.47 -13.44
N THR C 6 -3.00 -8.19 -13.05
CA THR C 6 -2.45 -7.67 -11.71
C THR C 6 -3.60 -7.14 -10.85
N ALA C 7 -3.39 -7.34 -9.52
CA ALA C 7 -4.33 -6.81 -8.51
C ALA C 7 -3.64 -6.51 -7.20
N VAL C 8 -4.11 -5.45 -6.61
CA VAL C 8 -3.68 -5.02 -5.30
C VAL C 8 -4.72 -5.29 -4.18
N SER C 9 -4.51 -6.18 -3.23
CA SER C 9 -5.31 -6.44 -2.04
C SER C 9 -4.70 -5.82 -0.79
N GLU C 10 -5.11 -4.67 -0.35
CA GLU C 10 -4.60 -3.92 0.75
C GLU C 10 -5.67 -3.65 1.84
N TRP C 11 -5.35 -4.02 3.09
CA TRP C 11 -6.19 -3.90 4.25
C TRP C 11 -5.57 -2.87 5.20
N THR C 12 -6.02 -1.60 5.20
CA THR C 12 -5.51 -0.54 6.09
C THR C 12 -6.44 -0.20 7.17
N GLU C 13 -6.21 -0.55 8.43
CA GLU C 13 -6.97 0.05 9.58
C GLU C 13 -5.95 0.88 10.50
N TYR C 14 -6.45 2.08 10.82
CA TYR C 14 -5.58 3.21 11.18
C TYR C 14 -6.29 4.17 12.12
N LYS C 15 -5.62 4.74 13.15
CA LYS C 15 -6.20 5.68 14.12
C LYS C 15 -5.15 6.62 14.61
N THR C 16 -5.45 7.90 14.76
CA THR C 16 -4.66 9.04 15.15
C THR C 16 -5.56 10.01 16.00
N ALA C 17 -5.08 10.45 17.19
CA ALA C 17 -5.89 11.38 17.96
C ALA C 17 -5.73 12.80 17.35
N ASP C 18 -4.55 13.39 17.55
CA ASP C 18 -4.27 14.74 16.98
C ASP C 18 -3.72 14.51 15.60
N GLY C 19 -4.51 14.86 14.60
CA GLY C 19 -4.38 14.55 13.21
C GLY C 19 -3.00 14.77 12.57
N LYS C 20 -2.11 15.55 13.20
CA LYS C 20 -0.91 16.13 12.64
C LYS C 20 0.09 15.07 12.14
N THR C 21 -0.05 13.80 12.36
CA THR C 21 0.79 12.75 11.73
C THR C 21 0.87 12.81 10.23
N PHE C 22 1.96 12.31 9.62
CA PHE C 22 2.07 12.18 8.17
C PHE C 22 1.72 10.78 7.57
N TYR C 23 0.87 10.73 6.54
CA TYR C 23 0.55 9.54 5.78
C TYR C 23 0.55 9.75 4.28
N TYR C 24 1.45 8.92 3.70
CA TYR C 24 1.67 8.75 2.27
C TYR C 24 1.59 7.26 1.78
N ASN C 25 0.62 6.97 0.91
CA ASN C 25 0.44 5.70 0.24
C ASN C 25 0.52 5.84 -1.27
N ASN C 26 1.46 5.23 -1.97
CA ASN C 26 1.48 5.17 -3.42
C ASN C 26 1.34 3.72 -3.93
N ARG C 27 0.36 3.42 -4.75
CA ARG C 27 0.25 2.06 -5.35
C ARG C 27 0.20 2.19 -6.86
N THR C 28 0.92 1.33 -7.47
CA THR C 28 1.11 1.26 -8.90
C THR C 28 1.09 -0.21 -9.25
N LEU C 29 0.07 -0.66 -10.07
CA LEU C 29 0.05 -2.01 -10.70
C LEU C 29 -0.36 -1.86 -12.20
N GLU C 30 0.34 -2.63 -13.06
CA GLU C 30 0.22 -2.73 -14.53
C GLU C 30 0.25 -4.19 -15.06
N SER C 31 -0.78 -4.61 -15.76
CA SER C 31 -1.14 -5.93 -16.21
C SER C 31 -0.66 -6.25 -17.64
N THR C 32 0.55 -6.86 -17.81
CA THR C 32 1.08 -7.18 -19.10
C THR C 32 1.77 -8.52 -19.20
N TRP C 33 1.01 -9.55 -19.59
CA TRP C 33 1.46 -10.95 -19.65
C TRP C 33 1.90 -11.46 -21.03
N MET D 3 -1.06 -7.78 -22.72
CA MET D 3 -1.97 -6.92 -21.89
C MET D 3 -3.00 -7.76 -21.09
N GLY D 4 -3.39 -7.37 -19.90
CA GLY D 4 -4.14 -8.25 -18.98
C GLY D 4 -5.24 -7.57 -18.16
N ALA D 5 -5.96 -8.32 -17.34
CA ALA D 5 -7.03 -7.73 -16.46
C ALA D 5 -6.39 -7.05 -15.25
N THR D 6 -7.15 -6.14 -14.59
CA THR D 6 -6.66 -5.27 -13.60
C THR D 6 -7.77 -5.03 -12.49
N ALA D 7 -7.37 -5.08 -11.20
CA ALA D 7 -8.17 -4.87 -10.03
C ALA D 7 -7.45 -4.08 -8.90
N VAL D 8 -8.02 -2.96 -8.53
CA VAL D 8 -7.58 -2.33 -7.26
C VAL D 8 -8.60 -2.47 -6.16
N SER D 9 -8.10 -2.62 -4.91
CA SER D 9 -8.98 -3.11 -3.96
C SER D 9 -8.45 -2.87 -2.51
N GLU D 10 -8.96 -1.88 -1.90
CA GLU D 10 -8.29 -1.12 -0.82
C GLU D 10 -9.35 -0.99 0.30
N TRP D 11 -9.21 -1.67 1.45
CA TRP D 11 -10.09 -1.57 2.64
C TRP D 11 -9.53 -0.42 3.54
N THR D 12 -10.09 0.75 3.65
CA THR D 12 -9.44 1.96 4.06
C THR D 12 -10.25 2.62 5.19
N GLU D 13 -10.12 2.09 6.40
CA GLU D 13 -10.78 2.62 7.59
C GLU D 13 -9.76 3.44 8.40
N TYR D 14 -9.84 4.74 8.35
CA TYR D 14 -8.98 5.63 9.06
C TYR D 14 -9.80 6.75 9.82
N LYS D 15 -9.45 7.02 11.06
CA LYS D 15 -10.30 7.90 11.93
C LYS D 15 -9.42 8.88 12.73
N THR D 16 -9.83 10.17 12.71
CA THR D 16 -9.03 11.25 13.26
C THR D 16 -9.81 11.89 14.42
N ALA D 17 -9.23 11.93 15.67
CA ALA D 17 -10.06 12.55 16.83
C ALA D 17 -10.31 14.02 16.54
N ASP D 18 -9.23 14.70 16.12
CA ASP D 18 -9.28 16.08 15.59
C ASP D 18 -8.51 16.07 14.29
N GLY D 19 -9.28 16.19 13.21
CA GLY D 19 -8.81 15.81 11.90
C GLY D 19 -8.03 16.94 11.24
N LYS D 20 -6.81 17.25 11.80
CA LYS D 20 -5.77 18.04 11.22
C LYS D 20 -4.81 17.15 10.39
N THR D 21 -5.38 16.09 9.85
CA THR D 21 -4.83 15.01 9.14
C THR D 21 -3.86 15.47 7.98
N PHE D 22 -2.75 14.70 7.73
CA PHE D 22 -1.98 14.67 6.46
C PHE D 22 -2.13 13.37 5.76
N TYR D 23 -2.73 13.37 4.61
CA TYR D 23 -3.03 12.14 3.85
C TYR D 23 -2.61 12.38 2.43
N TYR D 24 -1.96 11.45 1.77
CA TYR D 24 -1.92 11.32 0.34
C TYR D 24 -2.15 9.85 -0.07
N ASN D 25 -2.72 9.58 -1.19
CA ASN D 25 -3.18 8.28 -1.71
C ASN D 25 -3.31 8.45 -3.23
N ASN D 26 -2.56 7.61 -3.95
CA ASN D 26 -2.58 7.53 -5.41
C ASN D 26 -2.75 6.01 -5.82
N ARG D 27 -3.69 5.78 -6.75
CA ARG D 27 -3.75 4.64 -7.59
C ARG D 27 -3.38 5.07 -8.99
N THR D 28 -2.31 4.48 -9.51
CA THR D 28 -2.19 4.41 -10.99
C THR D 28 -2.63 2.94 -11.32
N LEU D 29 -3.69 2.75 -12.07
CA LEU D 29 -4.28 1.44 -12.21
C LEU D 29 -4.56 1.12 -13.66
N GLU D 30 -3.68 0.29 -14.25
CA GLU D 30 -3.59 -0.04 -15.64
C GLU D 30 -3.86 -1.59 -15.94
N SER D 31 -4.73 -1.92 -16.94
CA SER D 31 -4.83 -3.26 -17.63
C SER D 31 -3.83 -3.29 -18.80
N THR D 32 -2.93 -2.28 -18.90
CA THR D 32 -2.02 -1.93 -20.02
C THR D 32 -2.87 -1.57 -21.25
N TRP D 33 -2.70 -0.35 -21.77
CA TRP D 33 -3.76 0.29 -22.59
C TRP D 33 -3.72 0.10 -24.11
N MET A 3 5.20 -15.87 -19.29
CA MET A 3 5.53 -16.92 -18.30
C MET A 3 6.43 -16.28 -17.22
N GLY A 4 5.95 -16.23 -16.01
CA GLY A 4 6.64 -15.66 -14.85
C GLY A 4 5.49 -15.13 -13.98
N ALA A 5 5.62 -15.32 -12.58
CA ALA A 5 4.71 -14.89 -11.64
C ALA A 5 5.35 -14.55 -10.31
N THR A 6 4.85 -13.61 -9.56
CA THR A 6 5.37 -13.41 -8.20
C THR A 6 4.23 -12.93 -7.29
N ALA A 7 4.33 -13.26 -6.00
CA ALA A 7 3.48 -12.76 -4.96
C ALA A 7 4.29 -12.25 -3.69
N VAL A 8 3.91 -11.04 -3.24
CA VAL A 8 4.49 -10.33 -2.04
C VAL A 8 3.45 -10.22 -0.93
N SER A 9 3.91 -10.39 0.33
CA SER A 9 3.05 -9.98 1.44
C SER A 9 3.98 -9.18 2.38
N GLU A 10 3.32 -8.40 3.33
CA GLU A 10 3.76 -8.19 4.72
C GLU A 10 2.59 -7.88 5.64
N TRP A 11 2.85 -8.05 6.94
CA TRP A 11 1.95 -7.84 8.02
C TRP A 11 2.68 -6.81 8.90
N THR A 12 1.96 -5.72 9.28
CA THR A 12 2.59 -4.61 9.95
C THR A 12 1.77 -4.18 11.20
N GLU A 13 2.44 -4.08 12.34
CA GLU A 13 1.81 -3.90 13.67
C GLU A 13 2.73 -2.88 14.45
N TYR A 14 2.38 -1.57 14.31
CA TYR A 14 3.05 -0.49 14.84
C TYR A 14 2.18 0.50 15.69
N LYS A 15 2.49 0.64 16.99
CA LYS A 15 1.85 1.54 17.91
C LYS A 15 3.05 2.13 18.77
N THR A 16 3.24 3.47 18.83
CA THR A 16 4.42 4.15 19.37
C THR A 16 3.84 5.08 20.42
N ALA A 17 4.15 4.87 21.75
CA ALA A 17 3.47 5.51 22.85
C ALA A 17 3.91 6.99 22.85
N ASP A 18 5.23 7.37 23.10
CA ASP A 18 5.73 8.71 22.78
C ASP A 18 6.06 8.67 21.27
N GLY A 19 5.26 9.34 20.43
CA GLY A 19 5.29 9.32 18.99
C GLY A 19 6.78 9.58 18.52
N LYS A 20 7.25 8.79 17.58
CA LYS A 20 8.69 8.67 17.34
C LYS A 20 9.04 8.12 15.99
N THR A 21 8.17 7.28 15.35
CA THR A 21 8.61 6.44 14.19
C THR A 21 8.70 7.24 12.83
N PHE A 22 9.42 6.71 11.94
CA PHE A 22 9.57 7.02 10.54
C PHE A 22 9.51 5.59 9.87
N TYR A 23 8.66 5.30 8.84
CA TYR A 23 8.78 4.04 8.13
C TYR A 23 8.49 4.29 6.65
N TYR A 24 9.55 4.45 5.90
CA TYR A 24 9.62 4.41 4.42
C TYR A 24 9.72 2.86 4.15
N ASN A 25 8.86 2.40 3.24
CA ASN A 25 8.76 1.03 2.84
C ASN A 25 8.45 1.01 1.38
N ASN A 26 9.49 0.79 0.61
CA ASN A 26 9.44 0.79 -0.82
C ASN A 26 9.75 -0.66 -1.36
N ARG A 27 8.77 -1.37 -1.85
CA ARG A 27 8.85 -2.77 -2.41
C ARG A 27 8.16 -2.76 -3.80
N THR A 28 8.98 -3.03 -4.80
CA THR A 28 8.48 -3.73 -6.01
C THR A 28 8.06 -5.16 -5.68
N LEU A 29 7.49 -5.77 -6.72
CA LEU A 29 7.80 -7.16 -7.03
C LEU A 29 7.67 -7.43 -8.53
N GLU A 30 8.33 -8.47 -8.99
CA GLU A 30 8.88 -8.50 -10.29
C GLU A 30 8.65 -9.89 -10.91
N SER A 31 7.52 -10.08 -11.61
CA SER A 31 7.16 -11.43 -12.22
C SER A 31 7.85 -11.72 -13.58
N THR A 32 7.93 -10.73 -14.44
CA THR A 32 8.08 -10.91 -15.82
C THR A 32 9.46 -10.36 -16.24
N TRP A 33 9.71 -9.07 -15.97
CA TRP A 33 10.89 -8.36 -16.38
C TRP A 33 11.52 -7.51 -15.25
N MET B 3 1.56 -18.27 -11.09
CA MET B 3 0.27 -18.23 -11.67
C MET B 3 0.45 -17.64 -13.06
N GLY B 4 0.64 -16.32 -13.04
CA GLY B 4 0.84 -15.53 -14.24
C GLY B 4 0.64 -14.05 -13.80
N ALA B 5 1.70 -13.25 -13.94
CA ALA B 5 1.77 -11.85 -13.48
C ALA B 5 1.68 -11.87 -11.97
N THR B 6 1.12 -10.87 -11.29
CA THR B 6 1.71 -10.29 -10.07
C THR B 6 0.70 -9.92 -8.96
N ALA B 7 0.95 -10.26 -7.71
CA ALA B 7 0.12 -10.17 -6.57
C ALA B 7 0.84 -9.59 -5.41
N VAL B 8 0.14 -8.61 -4.75
CA VAL B 8 0.71 -7.94 -3.55
C VAL B 8 -0.32 -8.12 -2.35
N SER B 9 0.20 -8.08 -1.09
CA SER B 9 -0.65 -7.97 0.07
C SER B 9 0.00 -7.06 1.08
N GLU B 10 -0.71 -6.41 1.91
CA GLU B 10 -0.32 -5.74 3.12
C GLU B 10 -1.49 -5.85 4.11
N TRP B 11 -1.14 -6.17 5.37
CA TRP B 11 -2.11 -6.37 6.45
C TRP B 11 -1.62 -5.54 7.65
N THR B 12 -2.15 -4.29 7.77
CA THR B 12 -1.43 -3.21 8.46
C THR B 12 -2.35 -2.66 9.53
N GLU B 13 -1.76 -2.51 10.72
CA GLU B 13 -2.33 -2.00 11.96
C GLU B 13 -1.50 -0.93 12.70
N TYR B 14 -1.84 0.30 12.54
CA TYR B 14 -0.85 1.41 12.64
C TYR B 14 -1.43 2.55 13.48
N LYS B 15 -1.21 2.38 14.86
CA LYS B 15 -2.11 3.07 15.89
C LYS B 15 -1.23 3.94 16.84
N THR B 16 -0.65 5.03 16.38
CA THR B 16 -0.04 6.08 17.18
C THR B 16 -1.04 7.22 17.25
N ALA B 17 -1.60 7.39 18.45
CA ALA B 17 -2.55 8.47 18.70
C ALA B 17 -1.85 9.80 18.42
N ASP B 18 -0.66 10.07 18.96
CA ASP B 18 0.17 11.32 18.70
C ASP B 18 0.48 11.55 17.24
N GLY B 19 0.30 12.84 16.84
CA GLY B 19 0.60 13.30 15.49
C GLY B 19 2.14 13.58 15.51
N LYS B 20 2.92 12.54 15.19
CA LYS B 20 4.39 12.67 15.11
C LYS B 20 5.03 11.56 14.21
N THR B 21 4.44 10.35 14.14
CA THR B 21 4.72 9.36 13.12
C THR B 21 4.88 9.99 11.76
N PHE B 22 5.91 9.53 11.05
CA PHE B 22 6.06 9.65 9.58
C PHE B 22 5.85 8.20 9.05
N TYR B 23 5.05 7.99 8.01
CA TYR B 23 4.85 6.70 7.37
C TYR B 23 4.81 6.98 5.86
N TYR B 24 5.57 6.25 5.01
CA TYR B 24 5.63 6.44 3.60
C TYR B 24 5.55 5.07 3.01
N ASN B 25 4.57 4.71 2.13
CA ASN B 25 4.55 3.51 1.43
C ASN B 25 4.66 3.77 -0.08
N ASN B 26 5.46 2.97 -0.80
CA ASN B 26 5.56 2.95 -2.26
C ASN B 26 5.66 1.54 -2.81
N ARG B 27 4.55 1.10 -3.39
CA ARG B 27 4.26 -0.29 -3.72
C ARG B 27 4.13 -0.46 -5.18
N THR B 28 4.80 -1.46 -5.80
CA THR B 28 4.83 -1.74 -7.31
C THR B 28 4.69 -3.17 -7.66
N LEU B 29 3.87 -3.55 -8.60
CA LEU B 29 3.58 -4.89 -8.99
C LEU B 29 3.73 -4.91 -10.47
N GLU B 30 4.88 -5.35 -11.04
CA GLU B 30 5.09 -5.26 -12.51
C GLU B 30 4.58 -6.58 -13.14
N SER B 31 3.75 -6.54 -14.22
CA SER B 31 3.88 -7.51 -15.31
C SER B 31 3.93 -6.72 -16.62
N THR B 32 4.96 -6.89 -17.49
CA THR B 32 5.26 -6.04 -18.66
C THR B 32 5.39 -6.84 -19.95
N TRP B 33 5.19 -6.08 -21.02
CA TRP B 33 5.30 -6.60 -22.35
C TRP B 33 6.75 -7.12 -22.63
N MET C 3 -2.29 -16.55 -14.97
CA MET C 3 -3.39 -15.71 -14.57
C MET C 3 -3.49 -14.46 -15.47
N GLY C 4 -2.31 -13.78 -15.53
CA GLY C 4 -2.13 -12.63 -16.39
C GLY C 4 -3.04 -11.44 -16.07
N ALA C 5 -3.01 -11.15 -14.74
CA ALA C 5 -3.79 -10.07 -14.11
C ALA C 5 -3.00 -9.67 -12.78
N THR C 6 -3.28 -8.46 -12.34
CA THR C 6 -2.62 -7.85 -11.21
C THR C 6 -3.61 -7.18 -10.33
N ALA C 7 -3.36 -7.29 -8.98
CA ALA C 7 -4.30 -6.83 -8.00
C ALA C 7 -3.61 -6.49 -6.67
N VAL C 8 -4.00 -5.32 -6.11
CA VAL C 8 -3.41 -4.82 -4.87
C VAL C 8 -4.43 -5.14 -3.81
N SER C 9 -4.15 -6.16 -2.91
CA SER C 9 -5.03 -6.48 -1.79
C SER C 9 -4.42 -5.77 -0.59
N GLU C 10 -4.74 -4.49 -0.30
CA GLU C 10 -4.05 -3.76 0.89
C GLU C 10 -5.19 -3.73 1.89
N TRP C 11 -4.72 -4.00 3.14
CA TRP C 11 -5.54 -3.71 4.31
C TRP C 11 -4.79 -2.69 5.24
N THR C 12 -5.40 -1.61 5.68
CA THR C 12 -4.70 -0.74 6.63
C THR C 12 -5.83 -0.10 7.56
N GLU C 13 -5.74 -0.33 8.89
CA GLU C 13 -6.62 0.36 9.88
C GLU C 13 -5.59 1.16 10.71
N TYR C 14 -5.65 2.48 10.57
CA TYR C 14 -4.61 3.44 10.87
C TYR C 14 -5.46 4.28 11.84
N LYS C 15 -4.95 4.60 12.99
CA LYS C 15 -5.66 5.39 14.01
C LYS C 15 -4.73 6.45 14.45
N THR C 16 -5.24 7.68 14.27
CA THR C 16 -4.55 8.92 14.65
C THR C 16 -5.45 9.80 15.51
N ALA C 17 -4.88 10.45 16.57
CA ALA C 17 -5.58 11.49 17.31
C ALA C 17 -5.37 12.82 16.66
N ASP C 18 -4.10 13.22 16.34
CA ASP C 18 -3.78 14.57 15.78
C ASP C 18 -3.31 14.48 14.34
N GLY C 19 -3.85 15.38 13.58
CA GLY C 19 -3.60 15.69 12.18
C GLY C 19 -2.10 15.62 11.76
N LYS C 20 -1.20 16.18 12.62
CA LYS C 20 0.30 16.36 12.48
C LYS C 20 1.01 15.03 12.24
N THR C 21 0.43 13.86 12.52
CA THR C 21 0.95 12.67 11.92
C THR C 21 0.85 12.58 10.35
N PHE C 22 1.81 12.02 9.64
CA PHE C 22 2.15 12.25 8.20
C PHE C 22 2.01 10.90 7.46
N TYR C 23 1.04 10.70 6.58
CA TYR C 23 0.86 9.43 5.87
C TYR C 23 1.03 9.61 4.36
N TYR C 24 1.61 8.64 3.67
CA TYR C 24 1.84 8.68 2.22
C TYR C 24 1.69 7.23 1.71
N ASN C 25 1.05 7.12 0.58
CA ASN C 25 0.79 5.81 -0.06
C ASN C 25 0.72 6.04 -1.54
N ASN C 26 1.64 5.37 -2.25
CA ASN C 26 1.70 5.49 -3.66
C ASN C 26 1.76 4.03 -4.23
N ARG C 27 0.66 3.43 -4.65
CA ARG C 27 0.56 2.04 -5.11
C ARG C 27 0.49 2.04 -6.62
N THR C 28 0.98 0.96 -7.23
CA THR C 28 0.97 0.81 -8.66
C THR C 28 0.75 -0.66 -9.04
N LEU C 29 -0.17 -0.99 -9.92
CA LEU C 29 -0.24 -2.37 -10.47
C LEU C 29 -0.57 -2.26 -11.93
N GLU C 30 0.10 -3.05 -12.77
CA GLU C 30 0.12 -2.88 -14.18
C GLU C 30 0.09 -4.33 -14.86
N SER C 31 -1.04 -4.66 -15.45
CA SER C 31 -1.32 -6.02 -16.05
C SER C 31 -0.82 -6.17 -17.54
N THR C 32 0.36 -6.83 -17.76
CA THR C 32 0.88 -7.28 -19.02
C THR C 32 1.64 -8.65 -18.94
N TRP C 33 1.14 -9.63 -19.71
CA TRP C 33 1.70 -11.02 -19.60
C TRP C 33 1.93 -11.62 -21.00
N MET D 3 -1.33 -7.89 -22.08
CA MET D 3 -2.21 -6.86 -21.63
C MET D 3 -3.40 -7.52 -20.92
N GLY D 4 -3.57 -7.20 -19.60
CA GLY D 4 -4.06 -8.10 -18.59
C GLY D 4 -5.09 -7.43 -17.73
N ALA D 5 -5.92 -8.21 -17.04
CA ALA D 5 -7.04 -7.64 -16.26
C ALA D 5 -6.41 -6.94 -14.93
N THR D 6 -7.09 -5.97 -14.29
CA THR D 6 -6.51 -5.16 -13.20
C THR D 6 -7.48 -4.78 -12.07
N ALA D 7 -7.12 -4.99 -10.82
CA ALA D 7 -8.04 -4.76 -9.67
C ALA D 7 -7.33 -3.98 -8.59
N VAL D 8 -7.77 -2.70 -8.27
CA VAL D 8 -7.31 -2.12 -7.00
C VAL D 8 -8.26 -2.59 -5.89
N SER D 9 -7.77 -2.85 -4.70
CA SER D 9 -8.64 -3.22 -3.63
C SER D 9 -8.01 -2.89 -2.28
N GLU D 10 -8.39 -1.72 -1.74
CA GLU D 10 -7.74 -1.24 -0.58
C GLU D 10 -8.72 -1.12 0.52
N TRP D 11 -8.47 -1.75 1.67
CA TRP D 11 -9.38 -1.72 2.79
C TRP D 11 -8.80 -0.59 3.69
N THR D 12 -9.13 0.70 3.39
CA THR D 12 -8.72 1.81 4.18
C THR D 12 -9.84 2.07 5.17
N GLU D 13 -9.36 2.16 6.40
CA GLU D 13 -9.98 2.85 7.55
C GLU D 13 -8.87 3.61 8.27
N TYR D 14 -8.51 4.75 7.78
CA TYR D 14 -7.75 5.75 8.47
C TYR D 14 -8.61 6.64 9.24
N LYS D 15 -8.36 6.97 10.51
CA LYS D 15 -9.26 7.65 11.43
C LYS D 15 -8.45 8.62 12.29
N THR D 16 -8.57 9.95 11.98
CA THR D 16 -8.05 11.09 12.76
C THR D 16 -9.22 11.51 13.64
N ALA D 17 -9.01 11.68 14.93
CA ALA D 17 -10.02 12.34 15.72
C ALA D 17 -10.03 13.80 15.32
N ASP D 18 -8.88 14.54 15.34
CA ASP D 18 -8.79 15.93 14.89
C ASP D 18 -8.26 15.97 13.47
N GLY D 19 -9.15 16.15 12.54
CA GLY D 19 -8.84 16.16 11.10
C GLY D 19 -8.12 17.39 10.62
N LYS D 20 -6.92 17.65 11.16
CA LYS D 20 -5.80 18.45 10.68
C LYS D 20 -4.88 17.58 9.81
N THR D 21 -5.34 16.40 9.34
CA THR D 21 -4.63 15.36 8.69
C THR D 21 -3.55 15.78 7.77
N PHE D 22 -2.42 15.08 7.87
CA PHE D 22 -1.55 14.96 6.78
C PHE D 22 -1.67 13.56 6.13
N TYR D 23 -2.18 13.39 4.91
CA TYR D 23 -2.48 12.09 4.21
C TYR D 23 -2.41 12.31 2.68
N TYR D 24 -1.66 11.42 2.00
CA TYR D 24 -1.41 11.37 0.58
C TYR D 24 -1.67 9.93 0.16
N ASN D 25 -2.43 9.65 -0.91
CA ASN D 25 -2.79 8.40 -1.48
C ASN D 25 -2.89 8.46 -3.04
N ASN D 26 -2.51 7.39 -3.69
CA ASN D 26 -2.59 7.29 -5.13
C ASN D 26 -2.57 5.84 -5.66
N ARG D 27 -3.63 5.40 -6.36
CA ARG D 27 -3.62 4.25 -7.18
C ARG D 27 -3.29 4.70 -8.63
N THR D 28 -2.18 4.16 -9.23
CA THR D 28 -2.06 4.14 -10.71
C THR D 28 -2.45 2.70 -11.02
N LEU D 29 -3.57 2.51 -11.69
CA LEU D 29 -4.28 1.23 -11.87
C LEU D 29 -4.38 1.02 -13.35
N GLU D 30 -3.63 0.05 -13.94
CA GLU D 30 -3.65 -0.24 -15.38
C GLU D 30 -3.93 -1.72 -15.73
N SER D 31 -4.77 -1.85 -16.75
CA SER D 31 -5.08 -3.09 -17.42
C SER D 31 -4.17 -3.28 -18.69
N THR D 32 -3.14 -2.39 -18.75
CA THR D 32 -2.43 -1.97 -19.93
C THR D 32 -3.42 -1.66 -21.13
N TRP D 33 -3.75 -0.37 -21.27
CA TRP D 33 -4.53 0.17 -22.36
C TRP D 33 -3.90 -0.02 -23.74
N MET A 3 5.40 -15.62 -19.56
CA MET A 3 5.70 -16.66 -18.57
C MET A 3 6.64 -15.95 -17.54
N GLY A 4 6.13 -15.68 -16.32
CA GLY A 4 6.82 -15.08 -15.18
C GLY A 4 5.67 -14.63 -14.23
N ALA A 5 5.88 -14.81 -12.90
CA ALA A 5 4.95 -14.53 -11.80
C ALA A 5 5.75 -14.38 -10.51
N THR A 6 5.28 -13.56 -9.56
CA THR A 6 5.83 -13.35 -8.23
C THR A 6 4.70 -12.91 -7.35
N ALA A 7 4.88 -12.94 -6.02
CA ALA A 7 3.95 -12.43 -5.06
C ALA A 7 4.70 -11.88 -3.87
N VAL A 8 4.23 -10.75 -3.29
CA VAL A 8 4.67 -10.15 -2.09
C VAL A 8 3.48 -10.07 -1.05
N SER A 9 3.82 -10.44 0.17
CA SER A 9 2.95 -10.14 1.28
C SER A 9 3.79 -9.44 2.41
N GLU A 10 3.10 -8.67 3.32
CA GLU A 10 3.48 -8.68 4.72
C GLU A 10 2.32 -8.24 5.70
N TRP A 11 2.45 -8.60 6.95
CA TRP A 11 1.72 -8.01 8.10
C TRP A 11 2.56 -6.94 8.87
N THR A 12 1.93 -5.85 9.24
CA THR A 12 2.47 -4.67 9.85
C THR A 12 1.61 -4.31 11.11
N GLU A 13 2.24 -4.08 12.26
CA GLU A 13 1.73 -4.02 13.57
C GLU A 13 2.63 -3.02 14.35
N TYR A 14 2.27 -1.75 14.16
CA TYR A 14 2.94 -0.54 14.67
C TYR A 14 1.99 0.24 15.58
N LYS A 15 2.23 0.23 16.87
CA LYS A 15 1.61 1.03 17.95
C LYS A 15 2.69 1.69 18.75
N THR A 16 2.79 3.00 18.70
CA THR A 16 3.91 3.76 19.28
C THR A 16 3.47 4.68 20.39
N ALA A 17 4.06 4.57 21.54
CA ALA A 17 3.56 5.28 22.72
C ALA A 17 3.95 6.78 22.73
N ASP A 18 5.21 7.13 22.73
CA ASP A 18 5.72 8.47 22.53
C ASP A 18 5.89 8.60 20.94
N GLY A 19 5.41 9.68 20.38
CA GLY A 19 5.46 9.91 18.94
C GLY A 19 6.85 9.90 18.40
N LYS A 20 7.19 9.06 17.43
CA LYS A 20 8.61 8.81 17.19
C LYS A 20 8.95 8.16 15.83
N THR A 21 8.04 7.33 15.39
CA THR A 21 8.37 6.38 14.30
C THR A 21 8.54 7.20 13.05
N PHE A 22 9.37 6.75 12.22
CA PHE A 22 9.35 6.95 10.83
C PHE A 22 9.39 5.53 10.28
N TYR A 23 8.55 5.19 9.29
CA TYR A 23 8.63 3.91 8.49
C TYR A 23 8.38 4.08 7.02
N TYR A 24 9.49 3.96 6.26
CA TYR A 24 9.61 4.05 4.81
C TYR A 24 9.61 2.59 4.27
N ASN A 25 8.60 2.15 3.50
CA ASN A 25 8.51 0.76 3.07
C ASN A 25 8.24 0.69 1.57
N ASN A 26 9.40 0.54 0.80
CA ASN A 26 9.49 0.47 -0.62
C ASN A 26 9.92 -0.88 -1.21
N ARG A 27 8.96 -1.50 -1.87
CA ARG A 27 9.22 -2.83 -2.46
C ARG A 27 8.51 -2.99 -3.80
N THR A 28 9.32 -3.32 -4.81
CA THR A 28 8.82 -3.80 -6.08
C THR A 28 8.31 -5.22 -5.89
N LEU A 29 7.49 -5.71 -6.79
CA LEU A 29 7.81 -7.07 -7.17
C LEU A 29 7.86 -7.26 -8.67
N GLU A 30 8.83 -8.04 -9.18
CA GLU A 30 9.27 -7.97 -10.57
C GLU A 30 9.06 -9.36 -11.23
N SER A 31 7.77 -9.64 -11.61
CA SER A 31 7.44 -10.97 -12.24
C SER A 31 8.21 -11.21 -13.52
N THR A 32 8.14 -10.24 -14.43
CA THR A 32 8.41 -10.53 -15.87
C THR A 32 9.59 -9.80 -16.44
N TRP A 33 9.87 -8.55 -16.23
CA TRP A 33 11.07 -7.78 -16.64
C TRP A 33 11.69 -6.96 -15.50
N MET B 3 2.18 -18.68 -12.05
CA MET B 3 0.91 -18.58 -12.62
C MET B 3 0.87 -17.66 -13.90
N GLY B 4 1.29 -16.39 -13.86
CA GLY B 4 1.29 -15.36 -14.91
C GLY B 4 0.78 -14.00 -14.40
N ALA B 5 1.75 -13.13 -14.10
CA ALA B 5 1.70 -11.72 -13.57
C ALA B 5 1.68 -11.88 -11.99
N THR B 6 0.92 -10.98 -11.28
CA THR B 6 1.65 -10.40 -10.18
C THR B 6 0.65 -9.98 -9.07
N ALA B 7 1.06 -10.16 -7.80
CA ALA B 7 0.19 -10.01 -6.63
C ALA B 7 0.80 -9.38 -5.42
N VAL B 8 0.12 -8.42 -4.82
CA VAL B 8 0.60 -7.92 -3.57
C VAL B 8 -0.47 -7.90 -2.49
N SER B 9 -0.02 -7.96 -1.25
CA SER B 9 -0.86 -7.79 -0.03
C SER B 9 -0.27 -6.86 0.98
N GLU B 10 -1.13 -6.32 1.86
CA GLU B 10 -0.74 -5.69 3.16
C GLU B 10 -1.80 -6.02 4.17
N TRP B 11 -1.33 -6.15 5.42
CA TRP B 11 -2.25 -6.40 6.61
C TRP B 11 -1.82 -5.49 7.65
N THR B 12 -2.17 -4.24 7.52
CA THR B 12 -1.59 -3.16 8.36
C THR B 12 -2.46 -2.77 9.57
N GLU B 13 -1.95 -2.72 10.78
CA GLU B 13 -2.65 -2.13 11.93
C GLU B 13 -1.68 -1.11 12.51
N TYR B 14 -1.95 0.20 12.45
CA TYR B 14 -1.08 1.37 12.67
C TYR B 14 -1.74 2.36 13.60
N LYS B 15 -1.58 2.18 14.85
CA LYS B 15 -2.39 2.77 15.93
C LYS B 15 -1.60 3.71 16.84
N THR B 16 -1.14 4.89 16.39
CA THR B 16 -0.30 5.86 17.17
C THR B 16 -1.09 7.18 17.30
N ALA B 17 -1.35 7.62 18.57
CA ALA B 17 -2.15 8.82 18.90
C ALA B 17 -1.40 10.02 18.40
N ASP B 18 -0.21 10.27 19.00
CA ASP B 18 0.52 11.51 18.70
C ASP B 18 0.82 11.82 17.21
N GLY B 19 0.55 13.13 16.87
CA GLY B 19 0.78 13.75 15.58
C GLY B 19 2.22 13.89 15.37
N LYS B 20 2.86 12.84 14.94
CA LYS B 20 4.29 12.79 14.94
C LYS B 20 4.80 11.77 14.03
N THR B 21 4.15 10.58 14.01
CA THR B 21 4.24 9.37 13.14
C THR B 21 4.49 9.87 11.74
N PHE B 22 5.52 9.39 10.95
CA PHE B 22 5.74 9.53 9.52
C PHE B 22 5.56 8.12 8.94
N TYR B 23 4.64 7.92 7.97
CA TYR B 23 4.40 6.64 7.29
C TYR B 23 4.54 6.85 5.81
N TYR B 24 5.42 6.17 5.20
CA TYR B 24 5.71 6.39 3.81
C TYR B 24 5.69 5.05 3.13
N ASN B 25 4.75 4.68 2.24
CA ASN B 25 4.74 3.36 1.49
C ASN B 25 4.66 3.58 0.01
N ASN B 26 5.49 2.76 -0.70
CA ASN B 26 5.59 2.88 -2.12
C ASN B 26 5.54 1.52 -2.76
N ARG B 27 4.33 1.09 -3.15
CA ARG B 27 4.00 -0.26 -3.43
C ARG B 27 3.85 -0.46 -4.93
N THR B 28 4.54 -1.49 -5.45
CA THR B 28 4.57 -1.77 -6.92
C THR B 28 4.39 -3.22 -7.40
N LEU B 29 3.65 -3.50 -8.45
CA LEU B 29 3.36 -4.85 -9.05
C LEU B 29 3.52 -4.66 -10.56
N GLU B 30 4.58 -5.34 -11.05
CA GLU B 30 4.84 -5.35 -12.47
C GLU B 30 4.50 -6.73 -13.11
N SER B 31 3.62 -6.58 -14.05
CA SER B 31 3.72 -7.42 -15.16
C SER B 31 3.77 -6.61 -16.55
N THR B 32 4.83 -6.59 -17.30
CA THR B 32 4.90 -5.80 -18.57
C THR B 32 5.19 -6.69 -19.78
N TRP B 33 5.20 -6.06 -20.94
CA TRP B 33 5.26 -6.57 -22.35
C TRP B 33 6.65 -7.01 -22.67
N MET C 3 -2.41 -16.58 -15.26
CA MET C 3 -3.58 -15.92 -14.72
C MET C 3 -3.90 -14.70 -15.58
N GLY C 4 -2.90 -13.87 -15.80
CA GLY C 4 -2.92 -12.73 -16.63
C GLY C 4 -3.73 -11.68 -15.90
N ALA C 5 -3.30 -11.30 -14.63
CA ALA C 5 -3.88 -10.18 -13.96
C ALA C 5 -2.96 -9.69 -12.88
N THR C 6 -3.21 -8.49 -12.40
CA THR C 6 -2.61 -8.00 -11.22
C THR C 6 -3.70 -7.47 -10.29
N ALA C 7 -3.44 -7.68 -8.97
CA ALA C 7 -4.34 -7.08 -8.04
C ALA C 7 -3.54 -6.69 -6.82
N VAL C 8 -3.94 -5.53 -6.26
CA VAL C 8 -3.39 -4.99 -5.02
C VAL C 8 -4.43 -5.28 -3.95
N SER C 9 -4.02 -6.13 -2.98
CA SER C 9 -4.94 -6.64 -1.96
C SER C 9 -4.57 -6.04 -0.63
N GLU C 10 -4.84 -4.76 -0.57
CA GLU C 10 -4.40 -4.04 0.62
C GLU C 10 -5.53 -3.92 1.60
N TRP C 11 -5.22 -4.21 2.87
CA TRP C 11 -5.87 -3.68 4.08
C TRP C 11 -4.82 -2.85 4.91
N THR C 12 -5.43 -1.84 5.53
CA THR C 12 -4.81 -1.09 6.61
C THR C 12 -5.89 -0.48 7.59
N GLU C 13 -5.72 -0.60 8.93
CA GLU C 13 -6.40 0.26 9.86
C GLU C 13 -5.43 1.17 10.63
N TYR C 14 -5.67 2.50 10.51
CA TYR C 14 -4.71 3.50 10.92
C TYR C 14 -5.41 4.48 11.88
N LYS C 15 -4.82 4.70 13.07
CA LYS C 15 -5.49 5.46 14.10
C LYS C 15 -4.57 6.45 14.65
N THR C 16 -5.02 7.70 14.65
CA THR C 16 -4.28 8.98 15.07
C THR C 16 -5.15 9.90 15.90
N ALA C 17 -4.66 10.46 16.97
CA ALA C 17 -5.29 11.49 17.82
C ALA C 17 -5.15 12.84 17.15
N ASP C 18 -3.93 13.16 16.63
CA ASP C 18 -3.66 14.50 16.15
C ASP C 18 -3.16 14.55 14.68
N GLY C 19 -3.92 15.30 13.89
CA GLY C 19 -3.61 15.18 12.39
C GLY C 19 -2.22 15.67 11.94
N LYS C 20 -1.38 16.33 12.75
CA LYS C 20 0.03 16.57 12.47
C LYS C 20 0.88 15.43 12.04
N THR C 21 0.43 14.20 12.22
CA THR C 21 1.14 13.01 11.68
C THR C 21 1.09 12.99 10.15
N PHE C 22 2.10 12.40 9.48
CA PHE C 22 2.16 12.37 8.02
C PHE C 22 1.96 10.95 7.41
N TYR C 23 1.06 10.82 6.47
CA TYR C 23 0.69 9.53 5.86
C TYR C 23 0.84 9.65 4.33
N TYR C 24 1.54 8.71 3.69
CA TYR C 24 1.81 8.61 2.31
C TYR C 24 1.72 7.21 1.77
N ASN C 25 0.67 7.00 0.93
CA ASN C 25 0.42 5.72 0.20
C ASN C 25 0.47 5.96 -1.31
N ASN C 26 1.34 5.17 -1.93
CA ASN C 26 1.49 5.26 -3.45
C ASN C 26 1.64 3.86 -4.05
N ARG C 27 0.49 3.31 -4.53
CA ARG C 27 0.25 1.97 -5.15
C ARG C 27 0.22 2.09 -6.63
N THR C 28 0.89 1.17 -7.20
CA THR C 28 1.14 1.04 -8.65
C THR C 28 1.00 -0.50 -8.96
N LEU C 29 0.10 -0.83 -9.91
CA LEU C 29 0.03 -2.20 -10.53
C LEU C 29 -0.28 -2.14 -12.06
N GLU C 30 0.25 -3.12 -12.81
CA GLU C 30 -0.01 -3.16 -14.19
C GLU C 30 0.01 -4.61 -14.72
N SER C 31 -1.07 -5.01 -15.48
CA SER C 31 -1.39 -6.33 -16.01
C SER C 31 -0.94 -6.47 -17.51
N THR C 32 0.06 -7.30 -17.77
CA THR C 32 0.46 -7.75 -19.10
C THR C 32 0.93 -9.19 -19.03
N TRP C 33 0.86 -10.01 -20.11
CA TRP C 33 1.15 -11.44 -19.96
C TRP C 33 1.22 -12.16 -21.35
N MET D 3 -1.66 -7.88 -22.38
CA MET D 3 -2.68 -7.02 -21.91
C MET D 3 -3.58 -7.95 -21.08
N GLY D 4 -3.62 -7.72 -19.71
CA GLY D 4 -4.16 -8.57 -18.67
C GLY D 4 -5.31 -7.83 -17.93
N ALA D 5 -5.96 -8.41 -16.92
CA ALA D 5 -7.13 -7.87 -16.18
C ALA D 5 -6.48 -7.23 -15.01
N THR D 6 -7.19 -6.27 -14.44
CA THR D 6 -6.65 -5.52 -13.32
C THR D 6 -7.66 -5.11 -12.27
N ALA D 7 -7.22 -5.06 -11.08
CA ALA D 7 -8.12 -4.89 -9.94
C ALA D 7 -7.46 -4.15 -8.80
N VAL D 8 -8.06 -3.04 -8.27
CA VAL D 8 -7.63 -2.29 -7.13
C VAL D 8 -8.60 -2.43 -5.94
N SER D 9 -8.00 -2.71 -4.73
CA SER D 9 -8.89 -3.13 -3.70
C SER D 9 -8.24 -2.83 -2.35
N GLU D 10 -8.65 -1.75 -1.71
CA GLU D 10 -8.01 -1.23 -0.51
C GLU D 10 -9.09 -1.09 0.53
N TRP D 11 -8.84 -1.72 1.73
CA TRP D 11 -9.66 -1.56 2.94
C TRP D 11 -8.91 -0.58 3.80
N THR D 12 -9.34 0.68 3.68
CA THR D 12 -8.58 1.74 4.30
C THR D 12 -9.39 2.49 5.35
N GLU D 13 -9.25 2.03 6.58
CA GLU D 13 -10.03 2.62 7.70
C GLU D 13 -9.10 3.53 8.52
N TYR D 14 -8.93 4.83 8.16
CA TYR D 14 -7.95 5.65 8.71
C TYR D 14 -8.80 6.74 9.35
N LYS D 15 -8.74 6.76 10.72
CA LYS D 15 -9.55 7.71 11.49
C LYS D 15 -8.72 8.65 12.34
N THR D 16 -8.86 9.95 12.08
CA THR D 16 -8.13 11.08 12.74
C THR D 16 -9.16 11.56 13.80
N ALA D 17 -8.88 11.49 15.06
CA ALA D 17 -9.75 12.14 16.00
C ALA D 17 -9.83 13.59 15.72
N ASP D 18 -8.68 14.27 15.68
CA ASP D 18 -8.62 15.67 15.33
C ASP D 18 -7.97 15.87 13.93
N GLY D 19 -8.85 15.78 12.88
CA GLY D 19 -8.62 16.00 11.41
C GLY D 19 -7.81 17.28 11.10
N LYS D 20 -6.51 17.39 11.54
CA LYS D 20 -5.51 18.28 11.08
C LYS D 20 -4.59 17.48 10.13
N THR D 21 -5.31 16.62 9.35
CA THR D 21 -4.73 15.49 8.63
C THR D 21 -3.76 15.87 7.54
N PHE D 22 -2.51 15.38 7.50
CA PHE D 22 -1.70 15.25 6.32
C PHE D 22 -1.93 13.78 5.77
N TYR D 23 -2.67 13.55 4.66
CA TYR D 23 -3.00 12.20 4.07
C TYR D 23 -2.86 12.22 2.52
N TYR D 24 -2.02 11.30 1.96
CA TYR D 24 -1.88 11.06 0.52
C TYR D 24 -2.17 9.64 0.17
N ASN D 25 -2.94 9.49 -0.95
CA ASN D 25 -3.28 8.20 -1.35
C ASN D 25 -3.43 8.21 -2.91
N ASN D 26 -2.82 7.24 -3.58
CA ASN D 26 -2.88 7.16 -5.04
C ASN D 26 -3.03 5.74 -5.51
N ARG D 27 -3.96 5.49 -6.40
CA ARG D 27 -3.94 4.32 -7.20
C ARG D 27 -3.53 4.75 -8.65
N THR D 28 -2.45 4.13 -9.15
CA THR D 28 -2.40 3.93 -10.61
C THR D 28 -2.56 2.45 -10.85
N LEU D 29 -3.26 2.16 -11.96
CA LEU D 29 -4.11 0.95 -11.99
C LEU D 29 -4.33 0.62 -13.42
N GLU D 30 -3.66 -0.42 -13.97
CA GLU D 30 -3.62 -0.53 -15.44
C GLU D 30 -3.84 -1.95 -15.93
N SER D 31 -4.53 -2.03 -17.06
CA SER D 31 -4.90 -3.31 -17.59
C SER D 31 -4.19 -3.44 -19.02
N THR D 32 -3.14 -2.65 -19.22
CA THR D 32 -2.52 -2.37 -20.47
C THR D 32 -3.53 -2.15 -21.61
N TRP D 33 -4.06 -0.86 -21.67
CA TRP D 33 -4.78 -0.32 -22.78
C TRP D 33 -3.98 -0.38 -24.11
#